data_2BME
#
_entry.id   2BME
#
_cell.length_a   99.790
_cell.length_b   99.790
_cell.length_c   95.540
_cell.angle_alpha   90.00
_cell.angle_beta   90.00
_cell.angle_gamma   90.00
#
_symmetry.space_group_name_H-M   'P 43'
#
loop_
_entity.id
_entity.type
_entity.pdbx_description
1 polymer 'RAS-RELATED PROTEIN RAB4A'
2 non-polymer 'PHOSPHOAMINOPHOSPHONIC ACID-GUANYLATE ESTER'
3 non-polymer 2-AMINO-2-HYDROXYMETHYL-PROPANE-1,3-DIOL
4 non-polymer BETA-MERCAPTOETHANOL
5 non-polymer 'MAGNESIUM ION'
6 water water
#
_entity_poly.entity_id   1
_entity_poly.type   'polypeptide(L)'
_entity_poly.pdbx_seq_one_letter_code
;GHMSETYDFLFKFLVIGNAGTGKSCLLHQFIEKKFKDDSNHTIGVEFGSKIINVGGKYVKLQIWDTAGQERFRSVTRSYY
RGAAGALLVYDITSRETYNALTNWLTDARMLASQNIVIILCGNKKDLDADREVTFLEASRFAQENELMFLETSALTGENV
EEAFVQCARKILNKIESGELDPERMG
;
_entity_poly.pdbx_strand_id   A,B,C,D
#
loop_
_chem_comp.id
_chem_comp.type
_chem_comp.name
_chem_comp.formula
BME non-polymer BETA-MERCAPTOETHANOL 'C2 H6 O S'
GNP non-polymer 'PHOSPHOAMINOPHOSPHONIC ACID-GUANYLATE ESTER' 'C10 H17 N6 O13 P3'
MG non-polymer 'MAGNESIUM ION' 'Mg 2'
TRS non-polymer 2-AMINO-2-HYDROXYMETHYL-PROPANE-1,3-DIOL 'C4 H12 N O3 1'
#
# COMPACT_ATOMS: atom_id res chain seq x y z
N SER A 4 12.02 0.64 -20.87
CA SER A 4 13.12 1.66 -20.77
C SER A 4 13.78 1.65 -19.39
N GLU A 5 12.98 1.39 -18.34
CA GLU A 5 13.46 1.48 -16.96
C GLU A 5 14.34 0.29 -16.57
N THR A 6 15.53 0.62 -16.09
CA THR A 6 16.46 -0.41 -15.76
C THR A 6 16.54 -0.57 -14.26
N TYR A 7 17.40 -1.48 -13.87
CA TYR A 7 17.58 -1.83 -12.48
C TYR A 7 18.98 -2.39 -12.37
N ASP A 8 19.48 -2.33 -11.14
CA ASP A 8 20.83 -2.72 -10.80
C ASP A 8 20.83 -4.10 -10.16
N PHE A 9 19.69 -4.49 -9.57
CA PHE A 9 19.51 -5.75 -8.80
C PHE A 9 18.19 -6.36 -9.11
N LEU A 10 18.15 -7.70 -9.13
CA LEU A 10 16.88 -8.42 -9.27
C LEU A 10 16.76 -9.46 -8.16
N PHE A 11 15.75 -9.29 -7.32
CA PHE A 11 15.45 -10.22 -6.21
C PHE A 11 14.07 -10.89 -6.30
N LYS A 12 14.04 -12.19 -6.00
CA LYS A 12 12.76 -12.91 -5.88
C LYS A 12 12.31 -12.88 -4.44
N PHE A 13 11.07 -12.44 -4.23
CA PHE A 13 10.47 -12.43 -2.88
C PHE A 13 9.25 -13.30 -2.86
N LEU A 14 8.95 -13.84 -1.67
CA LEU A 14 7.62 -14.49 -1.44
C LEU A 14 6.80 -13.68 -0.50
N VAL A 15 5.49 -13.86 -0.57
CA VAL A 15 4.62 -13.45 0.53
C VAL A 15 3.92 -14.71 1.00
N ILE A 16 4.14 -15.07 2.26
CA ILE A 16 3.72 -16.36 2.85
C ILE A 16 2.98 -16.14 4.16
N GLY A 17 2.17 -17.14 4.57
CA GLY A 17 1.33 -17.00 5.76
C GLY A 17 -0.04 -17.59 5.57
N ASN A 18 -0.78 -17.75 6.70
CA ASN A 18 -2.05 -18.45 6.64
C ASN A 18 -3.02 -17.76 5.72
N ALA A 19 -4.00 -18.54 5.25
CA ALA A 19 -5.04 -17.99 4.40
C ALA A 19 -5.75 -16.88 5.16
N GLY A 20 -6.16 -15.84 4.45
CA GLY A 20 -7.04 -14.86 5.06
C GLY A 20 -6.23 -13.76 5.74
N THR A 21 -4.89 -13.84 5.73
CA THR A 21 -4.13 -12.88 6.55
C THR A 21 -3.96 -11.56 5.85
N GLY A 22 -4.09 -11.55 4.52
CA GLY A 22 -4.03 -10.31 3.76
C GLY A 22 -2.87 -10.19 2.82
N LYS A 23 -2.27 -11.34 2.49
CA LYS A 23 -1.12 -11.37 1.58
C LYS A 23 -1.38 -10.71 0.22
N SER A 24 -2.48 -11.09 -0.43
CA SER A 24 -2.78 -10.56 -1.75
C SER A 24 -3.07 -9.06 -1.68
N CYS A 25 -3.79 -8.65 -0.63
CA CYS A 25 -4.05 -7.23 -0.42
C CYS A 25 -2.75 -6.48 -0.13
N LEU A 26 -1.82 -7.12 0.56
CA LEU A 26 -0.55 -6.41 0.82
C LEU A 26 0.23 -6.15 -0.48
N LEU A 27 0.28 -7.16 -1.36
CA LEU A 27 1.02 -6.98 -2.64
C LEU A 27 0.34 -5.92 -3.47
N HIS A 28 -0.99 -5.96 -3.53
CA HIS A 28 -1.72 -4.99 -4.31
C HIS A 28 -1.54 -3.57 -3.79
N GLN A 29 -1.49 -3.40 -2.47
CA GLN A 29 -1.21 -2.09 -1.88
C GLN A 29 0.21 -1.61 -2.25
N PHE A 30 1.21 -2.49 -2.11
CA PHE A 30 2.57 -2.10 -2.48
C PHE A 30 2.70 -1.66 -3.96
N ILE A 31 2.11 -2.44 -4.86
CA ILE A 31 2.18 -2.13 -6.29
C ILE A 31 1.26 -1.01 -6.76
N GLU A 32 0.01 -1.01 -6.31
CA GLU A 32 -0.99 -0.07 -6.84
C GLU A 32 -1.31 1.09 -5.89
N LYS A 33 -0.91 0.96 -4.62
CA LYS A 33 -1.14 2.00 -3.61
C LYS A 33 -2.64 2.18 -3.34
N LYS A 34 -3.40 1.09 -3.45
CA LYS A 34 -4.82 1.08 -3.10
C LYS A 34 -5.25 -0.27 -2.47
N PHE A 35 -6.36 -0.26 -1.72
CA PHE A 35 -6.91 -1.48 -1.12
C PHE A 35 -7.82 -2.17 -2.14
N LYS A 36 -7.61 -3.45 -2.43
CA LYS A 36 -8.44 -4.04 -3.47
C LYS A 36 -9.79 -4.59 -3.00
N ASP A 37 -11.04 -4.20 -2.22
CA ASP A 37 -11.89 -4.88 -1.16
C ASP A 37 -12.72 -6.09 -1.65
N ASP A 38 -12.53 -6.53 -2.89
CA ASP A 38 -13.17 -7.75 -3.41
C ASP A 38 -12.24 -8.99 -3.44
N SER A 39 -11.23 -9.08 -2.61
CA SER A 39 -10.14 -10.06 -2.66
C SER A 39 -10.65 -11.42 -2.16
N ASN A 40 -10.48 -12.44 -2.98
CA ASN A 40 -10.75 -13.82 -2.57
C ASN A 40 -9.50 -14.72 -2.52
N HIS A 41 -9.66 -15.93 -2.01
CA HIS A 41 -8.55 -16.85 -1.81
C HIS A 41 -7.77 -17.08 -3.08
N THR A 42 -6.45 -17.03 -2.94
CA THR A 42 -5.54 -17.28 -4.04
C THR A 42 -5.51 -18.78 -4.22
N ILE A 43 -5.88 -19.24 -5.41
CA ILE A 43 -6.03 -20.66 -5.72
C ILE A 43 -4.93 -21.04 -6.71
N GLY A 44 -3.69 -21.04 -6.21
CA GLY A 44 -2.48 -21.23 -6.99
C GLY A 44 -1.40 -20.23 -6.58
N VAL A 45 -0.93 -19.40 -7.50
CA VAL A 45 0.06 -18.40 -7.15
C VAL A 45 -0.15 -17.14 -7.98
N GLU A 46 0.00 -15.96 -7.38
CA GLU A 46 -0.04 -14.69 -8.15
C GLU A 46 1.30 -13.98 -8.14
N PHE A 47 1.51 -13.08 -9.08
CA PHE A 47 2.81 -12.42 -9.24
C PHE A 47 2.62 -10.90 -9.39
N GLY A 48 3.48 -10.12 -8.73
CA GLY A 48 3.66 -8.71 -9.06
C GLY A 48 5.14 -8.33 -9.09
N SER A 49 5.43 -7.22 -9.74
CA SER A 49 6.79 -6.67 -9.67
C SER A 49 6.82 -5.15 -9.58
N LYS A 50 7.90 -4.64 -8.99
CA LYS A 50 8.06 -3.23 -8.76
C LYS A 50 9.56 -2.94 -8.68
N ILE A 51 9.96 -1.80 -9.24
CA ILE A 51 11.32 -1.28 -9.07
C ILE A 51 11.35 -0.24 -7.97
N ILE A 52 12.19 -0.45 -6.97
CA ILE A 52 12.39 0.59 -5.94
C ILE A 52 13.77 1.19 -5.98
N ASN A 53 13.86 2.39 -5.43
CA ASN A 53 15.12 3.13 -5.32
C ASN A 53 15.67 2.99 -3.91
N VAL A 54 16.76 2.25 -3.76
CA VAL A 54 17.37 2.07 -2.45
C VAL A 54 18.76 2.73 -2.43
N GLY A 55 18.83 3.98 -1.98
CA GLY A 55 20.10 4.70 -1.95
C GLY A 55 20.73 5.02 -3.31
N GLY A 56 19.89 5.18 -4.33
CA GLY A 56 20.37 5.41 -5.68
C GLY A 56 20.63 4.12 -6.46
N LYS A 57 20.48 2.97 -5.80
CA LYS A 57 20.52 1.66 -6.47
C LYS A 57 19.09 1.24 -6.79
N TYR A 58 18.84 0.89 -8.04
CA TYR A 58 17.50 0.43 -8.41
C TYR A 58 17.35 -1.08 -8.26
N VAL A 59 16.37 -1.51 -7.47
CA VAL A 59 16.14 -2.92 -7.14
C VAL A 59 14.80 -3.33 -7.72
N LYS A 60 14.81 -4.30 -8.62
CA LYS A 60 13.57 -4.87 -9.10
C LYS A 60 13.17 -6.05 -8.23
N LEU A 61 11.95 -6.00 -7.71
CA LEU A 61 11.40 -7.07 -6.85
C LEU A 61 10.42 -7.90 -7.69
N GLN A 62 10.65 -9.20 -7.78
CA GLN A 62 9.72 -10.12 -8.44
C GLN A 62 9.02 -10.87 -7.34
N ILE A 63 7.72 -10.64 -7.14
CA ILE A 63 7.08 -11.09 -5.89
C ILE A 63 6.02 -12.13 -6.12
N TRP A 64 6.17 -13.28 -5.48
CA TRP A 64 5.22 -14.39 -5.63
C TRP A 64 4.32 -14.33 -4.40
N ASP A 65 3.06 -14.04 -4.68
CA ASP A 65 2.05 -14.01 -3.64
C ASP A 65 1.40 -15.41 -3.59
N THR A 66 1.73 -16.15 -2.51
CA THR A 66 1.40 -17.57 -2.43
C THR A 66 0.06 -17.87 -1.76
N ALA A 67 -0.43 -19.07 -2.04
CA ALA A 67 -1.69 -19.49 -1.45
C ALA A 67 -1.45 -19.91 -0.01
N GLY A 68 -2.27 -19.40 0.89
CA GLY A 68 -2.18 -19.77 2.29
C GLY A 68 -2.98 -20.98 2.72
N GLN A 69 -4.01 -21.36 1.96
CA GLN A 69 -4.84 -22.50 2.33
C GLN A 69 -4.00 -23.78 2.40
N GLU A 70 -4.27 -24.59 3.43
CA GLU A 70 -3.53 -25.81 3.71
C GLU A 70 -3.46 -26.73 2.51
N ARG A 71 -4.54 -26.76 1.72
CA ARG A 71 -4.58 -27.65 0.55
C ARG A 71 -3.50 -27.36 -0.49
N PHE A 72 -2.96 -26.14 -0.44
CA PHE A 72 -1.92 -25.75 -1.38
C PHE A 72 -0.56 -25.76 -0.75
N ARG A 73 -0.40 -26.34 0.43
CA ARG A 73 0.90 -26.20 1.08
C ARG A 73 2.08 -26.80 0.32
N SER A 74 1.89 -27.92 -0.37
CA SER A 74 3.03 -28.52 -1.11
C SER A 74 3.44 -27.68 -2.32
N VAL A 75 2.45 -26.96 -2.85
CA VAL A 75 2.65 -26.02 -3.95
C VAL A 75 3.44 -24.82 -3.44
N THR A 76 2.96 -24.18 -2.37
CA THR A 76 3.65 -23.02 -1.76
C THR A 76 5.09 -23.40 -1.36
N ARG A 77 5.24 -24.61 -0.82
CA ARG A 77 6.60 -25.03 -0.48
C ARG A 77 7.57 -25.10 -1.66
N SER A 78 7.05 -25.28 -2.87
CA SER A 78 7.93 -25.38 -4.04
C SER A 78 8.57 -24.01 -4.40
N TYR A 79 8.08 -22.93 -3.79
CA TYR A 79 8.53 -21.56 -4.10
C TYR A 79 9.71 -21.05 -3.28
N TYR A 80 10.06 -21.74 -2.20
CA TYR A 80 11.18 -21.27 -1.38
C TYR A 80 12.50 -21.26 -2.13
N ARG A 81 12.71 -22.28 -2.94
CA ARG A 81 13.97 -22.36 -3.72
C ARG A 81 14.13 -21.14 -4.59
N GLY A 82 15.26 -20.49 -4.44
CA GLY A 82 15.54 -19.26 -5.18
C GLY A 82 15.01 -17.95 -4.63
N ALA A 83 14.12 -17.99 -3.63
CA ALA A 83 13.72 -16.77 -2.98
C ALA A 83 14.83 -16.13 -2.16
N ALA A 84 15.07 -14.83 -2.36
CA ALA A 84 16.08 -14.14 -1.53
C ALA A 84 15.40 -13.55 -0.30
N GLY A 85 14.12 -13.21 -0.40
CA GLY A 85 13.42 -12.57 0.71
C GLY A 85 11.99 -13.03 0.81
N ALA A 86 11.42 -12.90 2.00
CA ALA A 86 10.00 -13.23 2.17
C ALA A 86 9.41 -12.33 3.20
N LEU A 87 8.14 -11.99 2.99
CA LEU A 87 7.30 -11.35 4.02
C LEU A 87 6.41 -12.44 4.56
N LEU A 88 6.54 -12.72 5.86
CA LEU A 88 5.74 -13.72 6.56
C LEU A 88 4.65 -13.00 7.33
N VAL A 89 3.41 -13.31 6.99
CA VAL A 89 2.27 -12.47 7.39
C VAL A 89 1.33 -13.26 8.32
N TYR A 90 0.86 -12.59 9.39
CA TYR A 90 -0.28 -13.07 10.18
C TYR A 90 -1.30 -11.90 10.29
N ASP A 91 -2.45 -12.21 10.85
CA ASP A 91 -3.57 -11.29 11.04
C ASP A 91 -3.63 -11.00 12.56
N ILE A 92 -3.49 -9.71 12.92
CA ILE A 92 -3.45 -9.36 14.34
C ILE A 92 -4.80 -9.69 15.00
N THR A 93 -5.87 -9.89 14.22
CA THR A 93 -7.17 -10.22 14.81
C THR A 93 -7.43 -11.73 14.94
N SER A 94 -6.48 -12.53 14.47
CA SER A 94 -6.67 -13.98 14.46
C SER A 94 -5.50 -14.69 15.09
N ARG A 95 -5.67 -15.10 16.35
CA ARG A 95 -4.59 -15.77 17.07
C ARG A 95 -4.13 -17.03 16.31
N GLU A 96 -5.06 -17.78 15.70
CA GLU A 96 -4.62 -18.96 14.98
C GLU A 96 -3.54 -18.63 13.96
N THR A 97 -3.68 -17.50 13.25
CA THR A 97 -2.71 -17.19 12.22
C THR A 97 -1.31 -16.88 12.81
N TYR A 98 -1.30 -16.36 14.02
CA TYR A 98 -0.07 -16.06 14.74
C TYR A 98 0.53 -17.33 15.31
N ASN A 99 -0.34 -18.20 15.81
CA ASN A 99 0.15 -19.50 16.27
C ASN A 99 0.77 -20.36 15.15
N ALA A 100 0.37 -20.12 13.91
CA ALA A 100 0.91 -20.88 12.77
C ALA A 100 2.34 -20.47 12.43
N LEU A 101 2.82 -19.36 13.00
CA LEU A 101 4.09 -18.83 12.51
C LEU A 101 5.26 -19.77 12.66
N THR A 102 5.28 -20.56 13.72
CA THR A 102 6.39 -21.49 13.94
C THR A 102 6.45 -22.49 12.79
N ASN A 103 5.28 -22.93 12.31
CA ASN A 103 5.29 -23.89 11.20
C ASN A 103 5.82 -23.28 9.91
N TRP A 104 5.49 -22.00 9.65
CA TRP A 104 5.98 -21.33 8.45
C TRP A 104 7.51 -21.20 8.53
N LEU A 105 8.02 -20.80 9.69
CA LEU A 105 9.47 -20.65 9.85
C LEU A 105 10.21 -21.98 9.80
N THR A 106 9.60 -23.09 10.30
CA THR A 106 10.16 -24.43 10.12
C THR A 106 10.23 -24.77 8.62
N ASP A 107 9.19 -24.41 7.87
CA ASP A 107 9.26 -24.70 6.44
C ASP A 107 10.41 -23.95 5.79
N ALA A 108 10.53 -22.65 6.07
CA ALA A 108 11.59 -21.86 5.44
C ALA A 108 12.99 -22.29 5.88
N ARG A 109 13.12 -22.76 7.11
CA ARG A 109 14.42 -23.29 7.59
C ARG A 109 14.83 -24.53 6.83
N MET A 110 13.86 -25.36 6.45
CA MET A 110 14.19 -26.58 5.76
C MET A 110 14.37 -26.40 4.25
N LEU A 111 13.61 -25.50 3.63
CA LEU A 111 13.51 -25.44 2.16
C LEU A 111 14.13 -24.23 1.46
N ALA A 112 14.29 -23.12 2.19
CA ALA A 112 14.93 -21.90 1.66
C ALA A 112 16.41 -21.82 1.95
N SER A 113 17.08 -20.93 1.20
CA SER A 113 18.47 -20.58 1.51
C SER A 113 18.65 -20.20 2.99
N GLN A 114 19.71 -20.67 3.63
CA GLN A 114 19.95 -20.26 5.02
C GLN A 114 20.12 -18.75 5.13
N ASN A 115 20.28 -18.08 3.99
CA ASN A 115 20.44 -16.64 4.03
C ASN A 115 19.25 -15.85 3.56
N ILE A 116 18.09 -16.52 3.43
CA ILE A 116 16.86 -15.80 3.09
C ILE A 116 16.60 -14.75 4.19
N VAL A 117 16.04 -13.61 3.79
CA VAL A 117 15.70 -12.52 4.73
C VAL A 117 14.21 -12.56 4.88
N ILE A 118 13.72 -12.80 6.11
CA ILE A 118 12.27 -12.86 6.35
C ILE A 118 11.85 -11.67 7.25
N ILE A 119 10.84 -10.91 6.80
CA ILE A 119 10.28 -9.81 7.62
C ILE A 119 8.93 -10.29 8.15
N LEU A 120 8.71 -10.16 9.46
CA LEU A 120 7.42 -10.55 10.02
C LEU A 120 6.43 -9.39 10.00
N CYS A 121 5.27 -9.58 9.37
CA CYS A 121 4.21 -8.58 9.21
C CYS A 121 2.98 -8.99 9.99
N GLY A 122 2.65 -8.24 11.04
CA GLY A 122 1.33 -8.39 11.71
C GLY A 122 0.34 -7.45 11.00
N ASN A 123 -0.50 -8.01 10.13
CA ASN A 123 -1.34 -7.21 9.25
C ASN A 123 -2.71 -6.92 9.86
N LYS A 124 -3.47 -6.00 9.24
CA LYS A 124 -4.84 -5.62 9.65
C LYS A 124 -4.77 -4.75 10.88
N LYS A 125 -3.68 -4.00 11.02
CA LYS A 125 -3.54 -3.08 12.15
C LYS A 125 -4.65 -2.03 12.28
N ASP A 126 -5.34 -1.76 11.18
CA ASP A 126 -6.48 -0.85 11.20
C ASP A 126 -7.67 -1.46 11.97
N LEU A 127 -7.65 -2.80 12.11
CA LEU A 127 -8.68 -3.57 12.86
C LEU A 127 -8.33 -3.75 14.34
N ASP A 128 -7.65 -2.75 14.90
CA ASP A 128 -7.14 -2.80 16.27
C ASP A 128 -8.23 -3.06 17.34
N ALA A 129 -9.47 -2.66 17.06
CA ALA A 129 -10.56 -2.90 18.01
C ALA A 129 -10.90 -4.39 18.18
N ASP A 130 -10.43 -5.22 17.24
CA ASP A 130 -10.58 -6.67 17.28
C ASP A 130 -9.25 -7.42 17.44
N ARG A 131 -8.22 -6.70 17.90
CA ARG A 131 -6.91 -7.29 18.16
C ARG A 131 -6.90 -8.51 19.08
N GLU A 132 -6.21 -9.56 18.65
CA GLU A 132 -6.09 -10.79 19.41
C GLU A 132 -4.62 -11.07 19.75
N VAL A 133 -3.71 -10.34 19.13
CA VAL A 133 -2.26 -10.50 19.34
C VAL A 133 -1.62 -9.15 19.70
N THR A 134 -0.96 -9.07 20.85
CA THR A 134 -0.33 -7.80 21.23
C THR A 134 0.97 -7.47 20.47
N PHE A 135 1.20 -6.17 20.28
CA PHE A 135 2.47 -5.69 19.74
C PHE A 135 3.66 -6.24 20.51
N LEU A 136 3.62 -6.11 21.85
CA LEU A 136 4.70 -6.53 22.71
C LEU A 136 4.98 -8.05 22.58
N GLU A 137 3.93 -8.87 22.57
CA GLU A 137 4.12 -10.33 22.49
C GLU A 137 4.68 -10.80 21.14
N ALA A 138 4.16 -10.24 20.04
CA ALA A 138 4.71 -10.50 18.74
C ALA A 138 6.15 -10.00 18.62
N SER A 139 6.44 -8.88 19.29
CA SER A 139 7.80 -8.32 19.32
C SER A 139 8.81 -9.27 19.98
N ARG A 140 8.38 -9.95 21.04
CA ARG A 140 9.18 -10.92 21.77
C ARG A 140 9.45 -12.13 20.88
N PHE A 141 8.39 -12.59 20.22
CA PHE A 141 8.53 -13.73 19.31
C PHE A 141 9.50 -13.43 18.19
N ALA A 142 9.33 -12.29 17.55
CA ALA A 142 10.23 -11.90 16.47
C ALA A 142 11.68 -11.89 16.95
N GLN A 143 11.93 -11.24 18.08
CA GLN A 143 13.26 -11.17 18.63
C GLN A 143 13.85 -12.55 18.87
N GLU A 144 13.05 -13.44 19.50
CA GLU A 144 13.46 -14.82 19.75
C GLU A 144 13.81 -15.55 18.47
N ASN A 145 13.17 -15.14 17.38
CA ASN A 145 13.40 -15.75 16.08
C ASN A 145 14.31 -14.96 15.12
N GLU A 146 15.03 -13.97 15.67
CA GLU A 146 15.90 -13.12 14.86
C GLU A 146 15.22 -12.51 13.61
N LEU A 147 14.00 -12.01 13.79
CA LEU A 147 13.23 -11.39 12.74
C LEU A 147 12.92 -9.93 13.06
N MET A 148 13.01 -9.08 12.03
CA MET A 148 12.45 -7.71 12.15
C MET A 148 10.93 -7.82 12.05
N PHE A 149 10.22 -7.06 12.88
CA PHE A 149 8.74 -7.12 12.93
C PHE A 149 8.10 -5.73 12.77
N LEU A 150 7.10 -5.63 11.89
CA LEU A 150 6.31 -4.42 11.59
C LEU A 150 4.84 -4.85 11.69
N GLU A 151 3.96 -3.98 12.25
CA GLU A 151 2.51 -4.11 11.99
C GLU A 151 2.16 -3.31 10.75
N THR A 152 1.31 -3.90 9.90
CA THR A 152 0.98 -3.29 8.60
C THR A 152 -0.52 -3.18 8.42
N SER A 153 -0.94 -2.35 7.48
CA SER A 153 -2.33 -2.38 7.03
C SER A 153 -2.36 -2.27 5.52
N ALA A 154 -2.84 -3.32 4.87
CA ALA A 154 -3.07 -3.27 3.41
C ALA A 154 -4.15 -2.24 3.08
N LEU A 155 -5.06 -2.01 4.03
CA LEU A 155 -6.20 -1.12 3.80
C LEU A 155 -5.73 0.33 3.77
N THR A 156 -4.95 0.72 4.77
CA THR A 156 -4.49 2.11 4.88
C THR A 156 -3.13 2.34 4.25
N GLY A 157 -2.37 1.27 4.04
CA GLY A 157 -1.01 1.40 3.54
C GLY A 157 0.08 1.43 4.60
N GLU A 158 -0.30 1.57 5.87
CA GLU A 158 0.67 1.73 6.94
C GLU A 158 1.73 0.65 6.92
N ASN A 159 2.99 1.09 6.79
CA ASN A 159 4.21 0.25 6.86
C ASN A 159 4.33 -0.81 5.73
N VAL A 160 3.53 -0.72 4.68
CA VAL A 160 3.58 -1.77 3.62
C VAL A 160 4.82 -1.52 2.79
N GLU A 161 5.01 -0.29 2.29
CA GLU A 161 6.23 0.02 1.52
C GLU A 161 7.49 -0.28 2.39
N GLU A 162 7.44 0.14 3.64
CA GLU A 162 8.53 -0.15 4.57
C GLU A 162 8.90 -1.64 4.68
N ALA A 163 7.90 -2.52 4.73
CA ALA A 163 8.21 -3.94 4.85
C ALA A 163 8.98 -4.45 3.65
N PHE A 164 8.49 -4.11 2.46
CA PHE A 164 9.18 -4.59 1.23
C PHE A 164 10.56 -3.97 1.09
N VAL A 165 10.68 -2.66 1.39
CA VAL A 165 11.93 -1.96 1.20
C VAL A 165 12.97 -2.45 2.19
N GLN A 166 12.54 -2.64 3.44
CA GLN A 166 13.49 -3.17 4.39
C GLN A 166 13.97 -4.59 4.10
N CYS A 167 13.11 -5.47 3.59
CA CYS A 167 13.58 -6.76 3.10
C CYS A 167 14.70 -6.61 2.05
N ALA A 168 14.46 -5.73 1.09
CA ALA A 168 15.48 -5.47 0.05
C ALA A 168 16.77 -4.88 0.62
N ARG A 169 16.67 -3.89 1.53
CA ARG A 169 17.83 -3.27 2.15
C ARG A 169 18.65 -4.35 2.92
N LYS A 170 17.97 -5.28 3.61
CA LYS A 170 18.72 -6.30 4.37
C LYS A 170 19.44 -7.25 3.44
N ILE A 171 18.78 -7.61 2.33
CA ILE A 171 19.51 -8.41 1.33
C ILE A 171 20.71 -7.65 0.73
N LEU A 172 20.52 -6.39 0.37
CA LEU A 172 21.65 -5.56 -0.08
C LEU A 172 22.82 -5.47 0.95
N ASN A 173 22.45 -5.39 2.24
CA ASN A 173 23.50 -5.40 3.26
C ASN A 173 24.26 -6.73 3.28
N LYS A 174 23.57 -7.85 3.07
CA LYS A 174 24.25 -9.14 3.10
C LYS A 174 25.19 -9.20 1.92
N ILE A 175 24.70 -8.75 0.76
CA ILE A 175 25.53 -8.75 -0.42
C ILE A 175 26.85 -7.99 -0.20
N GLU A 176 26.73 -6.81 0.39
CA GLU A 176 27.90 -5.97 0.65
C GLU A 176 28.86 -6.56 1.69
N SER A 177 28.34 -7.08 2.81
CA SER A 177 29.22 -7.43 3.94
C SER A 177 28.79 -8.61 4.81
N GLY A 178 29.73 -9.21 5.54
CA GLY A 178 29.42 -10.27 6.48
C GLY A 178 29.03 -11.63 5.89
N GLU A 179 28.10 -12.31 6.59
CA GLU A 179 27.89 -13.78 6.52
C GLU A 179 28.11 -14.54 5.20
N GLU B 5 -16.37 -37.46 -3.20
CA GLU B 5 -15.53 -38.06 -2.12
C GLU B 5 -14.35 -38.88 -2.70
N THR B 6 -14.54 -40.13 -3.09
CA THR B 6 -13.38 -40.91 -3.51
C THR B 6 -13.25 -41.01 -5.01
N TYR B 7 -12.12 -41.54 -5.42
CA TYR B 7 -11.81 -41.65 -6.80
C TYR B 7 -10.80 -42.78 -6.98
N ASP B 8 -10.69 -43.22 -8.23
CA ASP B 8 -9.89 -44.36 -8.60
C ASP B 8 -8.55 -43.98 -9.22
N PHE B 9 -8.47 -42.81 -9.85
CA PHE B 9 -7.28 -42.35 -10.55
C PHE B 9 -7.14 -40.89 -10.22
N LEU B 10 -5.90 -40.40 -10.22
CA LEU B 10 -5.57 -38.99 -10.06
C LEU B 10 -4.61 -38.57 -11.17
N PHE B 11 -5.04 -37.64 -12.03
CA PHE B 11 -4.17 -37.13 -13.11
C PHE B 11 -3.94 -35.62 -12.98
N LYS B 12 -2.70 -35.16 -13.23
CA LYS B 12 -2.37 -33.73 -13.37
C LYS B 12 -2.59 -33.29 -14.83
N PHE B 13 -3.41 -32.28 -15.07
CA PHE B 13 -3.63 -31.65 -16.40
C PHE B 13 -3.17 -30.21 -16.38
N LEU B 14 -2.78 -29.72 -17.55
CA LEU B 14 -2.56 -28.28 -17.78
C LEU B 14 -3.57 -27.76 -18.74
N VAL B 15 -3.86 -26.47 -18.69
CA VAL B 15 -4.53 -25.73 -19.73
C VAL B 15 -3.54 -24.65 -20.23
N ILE B 16 -3.12 -24.80 -21.47
CA ILE B 16 -2.07 -23.98 -22.10
C ILE B 16 -2.54 -23.35 -23.37
N GLY B 17 -1.84 -22.30 -23.81
CA GLY B 17 -2.28 -21.58 -25.01
C GLY B 17 -2.15 -20.06 -24.85
N ASN B 18 -2.24 -19.33 -25.97
CA ASN B 18 -1.99 -17.90 -25.90
C ASN B 18 -2.92 -17.15 -24.95
N ALA B 19 -2.44 -15.98 -24.52
CA ALA B 19 -3.27 -15.13 -23.70
C ALA B 19 -4.58 -14.80 -24.44
N GLY B 20 -5.66 -14.73 -23.68
CA GLY B 20 -6.94 -14.31 -24.19
C GLY B 20 -7.71 -15.36 -24.92
N THR B 21 -7.22 -16.59 -24.93
CA THR B 21 -7.94 -17.61 -25.71
C THR B 21 -9.11 -18.19 -24.99
N GLY B 22 -9.19 -18.01 -23.70
CA GLY B 22 -10.31 -18.53 -22.92
C GLY B 22 -9.98 -19.65 -21.97
N LYS B 23 -8.70 -19.87 -21.65
CA LYS B 23 -8.35 -21.01 -20.79
C LYS B 23 -9.05 -20.92 -19.41
N SER B 24 -8.98 -19.75 -18.82
CA SER B 24 -9.55 -19.59 -17.46
C SER B 24 -11.08 -19.76 -17.49
N CYS B 25 -11.68 -19.25 -18.55
CA CYS B 25 -13.13 -19.43 -18.71
C CYS B 25 -13.49 -20.91 -18.99
N LEU B 26 -12.63 -21.62 -19.68
CA LEU B 26 -12.87 -23.05 -19.96
C LEU B 26 -12.88 -23.80 -18.64
N LEU B 27 -11.89 -23.52 -17.78
CA LEU B 27 -11.81 -24.29 -16.52
C LEU B 27 -13.02 -23.96 -15.62
N HIS B 28 -13.35 -22.67 -15.55
CA HIS B 28 -14.53 -22.24 -14.76
C HIS B 28 -15.85 -22.83 -15.20
N GLN B 29 -16.00 -22.92 -16.53
CA GLN B 29 -17.18 -23.58 -17.08
C GLN B 29 -17.18 -25.07 -16.75
N PHE B 30 -16.00 -25.72 -16.84
CA PHE B 30 -15.92 -27.14 -16.46
C PHE B 30 -16.32 -27.37 -15.00
N ILE B 31 -15.76 -26.55 -14.09
CA ILE B 31 -15.96 -26.84 -12.68
C ILE B 31 -17.25 -26.28 -12.13
N GLU B 32 -17.57 -25.06 -12.50
CA GLU B 32 -18.69 -24.34 -11.87
C GLU B 32 -19.89 -24.25 -12.77
N LYS B 33 -19.72 -24.65 -14.04
CA LYS B 33 -20.81 -24.58 -15.03
C LYS B 33 -21.32 -23.16 -15.28
N LYS B 34 -20.44 -22.18 -15.10
CA LYS B 34 -20.76 -20.77 -15.34
C LYS B 34 -19.74 -20.15 -16.23
N PHE B 35 -20.18 -19.14 -16.97
CA PHE B 35 -19.29 -18.31 -17.73
C PHE B 35 -18.74 -17.19 -16.84
N LYS B 36 -17.41 -17.08 -16.81
CA LYS B 36 -16.73 -15.94 -16.14
C LYS B 36 -16.64 -14.76 -17.10
N ASP B 37 -17.70 -13.94 -17.11
CA ASP B 37 -17.75 -12.80 -18.02
C ASP B 37 -16.78 -11.65 -17.72
N ASP B 38 -16.28 -11.57 -16.48
CA ASP B 38 -15.35 -10.51 -16.10
C ASP B 38 -13.92 -11.04 -15.91
N SER B 39 -13.58 -12.11 -16.63
CA SER B 39 -12.23 -12.71 -16.50
C SER B 39 -11.11 -11.76 -16.92
N ASN B 40 -10.08 -11.63 -16.08
CA ASN B 40 -8.86 -10.91 -16.56
C ASN B 40 -7.67 -11.83 -16.68
N HIS B 41 -6.55 -11.32 -17.22
CA HIS B 41 -5.38 -12.16 -17.47
C HIS B 41 -4.90 -12.84 -16.21
N THR B 42 -4.53 -14.10 -16.36
CA THR B 42 -4.01 -14.90 -15.24
C THR B 42 -2.56 -14.45 -15.01
N ILE B 43 -2.25 -13.92 -13.83
CA ILE B 43 -0.91 -13.40 -13.51
C ILE B 43 -0.21 -14.36 -12.54
N GLY B 44 0.13 -15.56 -13.04
CA GLY B 44 0.71 -16.65 -12.24
C GLY B 44 0.14 -17.96 -12.72
N VAL B 45 -0.52 -18.71 -11.83
CA VAL B 45 -1.15 -19.96 -12.21
C VAL B 45 -2.33 -20.17 -11.28
N GLU B 46 -3.40 -20.73 -11.80
CA GLU B 46 -4.56 -20.99 -10.98
C GLU B 46 -4.83 -22.46 -11.08
N PHE B 47 -5.64 -22.96 -10.14
CA PHE B 47 -5.84 -24.39 -9.93
C PHE B 47 -7.34 -24.70 -9.82
N GLY B 48 -7.79 -25.84 -10.41
CA GLY B 48 -9.11 -26.33 -10.09
C GLY B 48 -9.10 -27.83 -10.10
N SER B 49 -10.03 -28.44 -9.39
CA SER B 49 -10.14 -29.90 -9.43
C SER B 49 -11.56 -30.34 -9.59
N LYS B 50 -11.73 -31.52 -10.20
CA LYS B 50 -13.06 -32.11 -10.38
C LYS B 50 -12.92 -33.60 -10.50
N ILE B 51 -13.87 -34.35 -9.95
CA ILE B 51 -13.90 -35.79 -10.21
C ILE B 51 -14.91 -36.15 -11.33
N ILE B 52 -14.49 -36.88 -12.36
CA ILE B 52 -15.42 -37.26 -13.43
C ILE B 52 -15.56 -38.76 -13.48
N ASN B 53 -16.71 -39.22 -13.97
CA ASN B 53 -16.97 -40.64 -14.11
C ASN B 53 -16.76 -41.11 -15.56
N VAL B 54 -15.68 -41.87 -15.78
CA VAL B 54 -15.35 -42.40 -17.10
C VAL B 54 -15.61 -43.91 -17.16
N GLY B 55 -16.69 -44.33 -17.82
CA GLY B 55 -17.04 -45.73 -17.82
C GLY B 55 -17.14 -46.45 -16.48
N GLY B 56 -17.51 -45.71 -15.43
CA GLY B 56 -17.58 -46.29 -14.12
C GLY B 56 -16.30 -46.18 -13.30
N LYS B 57 -15.24 -45.65 -13.93
CA LYS B 57 -13.99 -45.34 -13.25
C LYS B 57 -14.05 -43.86 -12.88
N TYR B 58 -13.81 -43.58 -11.59
CA TYR B 58 -13.78 -42.20 -11.12
C TYR B 58 -12.37 -41.63 -11.21
N VAL B 59 -12.24 -40.54 -11.93
CA VAL B 59 -10.96 -39.91 -12.19
C VAL B 59 -11.00 -38.52 -11.58
N LYS B 60 -10.10 -38.25 -10.63
CA LYS B 60 -9.89 -36.88 -10.14
C LYS B 60 -8.86 -36.17 -11.03
N LEU B 61 -9.24 -35.00 -11.55
CA LEU B 61 -8.37 -34.13 -12.38
C LEU B 61 -7.85 -32.99 -11.52
N GLN B 62 -6.52 -32.87 -11.45
CA GLN B 62 -5.94 -31.67 -10.82
C GLN B 62 -5.43 -30.79 -11.94
N ILE B 63 -6.05 -29.63 -12.15
CA ILE B 63 -5.92 -28.87 -13.36
C ILE B 63 -5.24 -27.58 -13.08
N TRP B 64 -4.13 -27.37 -13.78
CA TRP B 64 -3.37 -26.11 -13.66
C TRP B 64 -3.65 -25.23 -14.86
N ASP B 65 -4.31 -24.10 -14.56
CA ASP B 65 -4.66 -23.15 -15.59
C ASP B 65 -3.54 -22.12 -15.65
N THR B 66 -2.75 -22.21 -16.73
CA THR B 66 -1.51 -21.45 -16.82
C THR B 66 -1.70 -20.07 -17.50
N ALA B 67 -0.76 -19.16 -17.21
CA ALA B 67 -0.73 -17.83 -17.85
C ALA B 67 -0.31 -17.96 -19.30
N GLY B 68 -1.06 -17.34 -20.22
CA GLY B 68 -0.61 -17.33 -21.61
C GLY B 68 0.23 -16.14 -22.05
N GLN B 69 0.24 -15.05 -21.27
CA GLN B 69 1.12 -13.93 -21.61
C GLN B 69 2.57 -14.36 -21.75
N GLU B 70 3.25 -13.91 -22.81
CA GLU B 70 4.64 -14.30 -23.00
C GLU B 70 5.55 -13.95 -21.84
N ARG B 71 5.23 -12.90 -21.08
CA ARG B 71 6.05 -12.59 -19.92
C ARG B 71 6.12 -13.67 -18.83
N PHE B 72 5.13 -14.56 -18.82
CA PHE B 72 5.13 -15.71 -17.91
C PHE B 72 5.53 -17.01 -18.57
N ARG B 73 6.17 -16.97 -19.76
CA ARG B 73 6.35 -18.26 -20.46
C ARG B 73 7.30 -19.20 -19.71
N SER B 74 8.37 -18.66 -19.11
CA SER B 74 9.27 -19.52 -18.33
C SER B 74 8.56 -20.15 -17.12
N VAL B 75 7.59 -19.41 -16.56
CA VAL B 75 6.80 -19.97 -15.47
C VAL B 75 5.91 -21.13 -15.97
N THR B 76 5.14 -20.88 -17.02
CA THR B 76 4.30 -21.87 -17.59
C THR B 76 5.10 -23.08 -17.99
N ARG B 77 6.30 -22.86 -18.53
CA ARG B 77 7.14 -24.03 -18.92
C ARG B 77 7.51 -24.93 -17.74
N SER B 78 7.57 -24.38 -16.53
CA SER B 78 7.90 -25.20 -15.38
C SER B 78 6.78 -26.21 -14.98
N TYR B 79 5.61 -26.08 -15.58
CA TYR B 79 4.46 -26.96 -15.23
C TYR B 79 4.34 -28.24 -16.05
N TYR B 80 5.07 -28.39 -17.14
CA TYR B 80 4.96 -29.59 -17.96
C TYR B 80 5.35 -30.88 -17.24
N ARG B 81 6.41 -30.79 -16.44
CA ARG B 81 6.92 -31.97 -15.75
C ARG B 81 5.81 -32.51 -14.83
N GLY B 82 5.46 -33.77 -15.02
CA GLY B 82 4.42 -34.37 -14.17
C GLY B 82 3.02 -34.37 -14.76
N ALA B 83 2.76 -33.54 -15.78
CA ALA B 83 1.45 -33.48 -16.37
C ALA B 83 1.17 -34.73 -17.23
N ALA B 84 0.02 -35.36 -17.00
CA ALA B 84 -0.37 -36.51 -17.82
C ALA B 84 -1.17 -36.07 -19.05
N GLY B 85 -1.79 -34.90 -18.94
CA GLY B 85 -2.65 -34.38 -19.99
C GLY B 85 -2.58 -32.89 -20.13
N ALA B 86 -2.95 -32.38 -21.29
CA ALA B 86 -3.09 -30.93 -21.47
C ALA B 86 -4.19 -30.62 -22.44
N LEU B 87 -4.91 -29.53 -22.16
CA LEU B 87 -5.80 -28.95 -23.16
C LEU B 87 -5.04 -27.77 -23.77
N LEU B 88 -4.80 -27.80 -25.10
CA LEU B 88 -4.06 -26.72 -25.79
C LEU B 88 -5.11 -25.88 -26.56
N VAL B 89 -5.20 -24.59 -26.21
CA VAL B 89 -6.35 -23.77 -26.62
C VAL B 89 -5.90 -22.69 -27.58
N TYR B 90 -6.73 -22.43 -28.61
CA TYR B 90 -6.65 -21.18 -29.41
C TYR B 90 -8.02 -20.60 -29.49
N ASP B 91 -8.10 -19.38 -29.98
CA ASP B 91 -9.40 -18.72 -30.20
C ASP B 91 -9.75 -18.77 -31.68
N ILE B 92 -10.89 -19.36 -32.08
CA ILE B 92 -11.23 -19.44 -33.52
C ILE B 92 -11.38 -18.07 -34.21
N THR B 93 -11.54 -16.99 -33.43
CA THR B 93 -11.66 -15.63 -33.94
C THR B 93 -10.34 -14.88 -34.06
N SER B 94 -9.23 -15.52 -33.68
CA SER B 94 -7.94 -14.83 -33.65
C SER B 94 -6.85 -15.69 -34.24
N ARG B 95 -6.52 -15.44 -35.51
CA ARG B 95 -5.57 -16.30 -36.21
C ARG B 95 -4.21 -16.32 -35.55
N GLU B 96 -3.78 -15.19 -34.97
CA GLU B 96 -2.52 -15.20 -34.25
C GLU B 96 -2.43 -16.30 -33.19
N THR B 97 -3.55 -16.61 -32.50
CA THR B 97 -3.51 -17.59 -31.45
C THR B 97 -3.36 -19.00 -32.00
N TYR B 98 -3.91 -19.21 -33.20
CA TYR B 98 -3.76 -20.43 -33.92
C TYR B 98 -2.33 -20.59 -34.46
N ASN B 99 -1.76 -19.51 -34.98
CA ASN B 99 -0.44 -19.58 -35.57
C ASN B 99 0.60 -19.93 -34.48
N ALA B 100 0.28 -19.64 -33.22
CA ALA B 100 1.17 -19.92 -32.11
C ALA B 100 1.19 -21.40 -31.74
N LEU B 101 0.29 -22.21 -32.28
CA LEU B 101 0.18 -23.56 -31.74
C LEU B 101 1.45 -24.38 -31.93
N THR B 102 2.20 -24.14 -33.02
CA THR B 102 3.40 -24.94 -33.26
C THR B 102 4.39 -24.69 -32.14
N ASN B 103 4.43 -23.45 -31.62
CA ASN B 103 5.42 -23.16 -30.58
C ASN B 103 5.03 -23.84 -29.28
N TRP B 104 3.74 -23.87 -28.97
CA TRP B 104 3.25 -24.54 -27.77
C TRP B 104 3.55 -26.04 -27.87
N LEU B 105 3.31 -26.62 -29.08
CA LEU B 105 3.64 -28.06 -29.25
C LEU B 105 5.13 -28.39 -29.12
N THR B 106 6.00 -27.52 -29.66
CA THR B 106 7.47 -27.67 -29.53
C THR B 106 7.85 -27.65 -28.07
N ASP B 107 7.24 -26.78 -27.27
CA ASP B 107 7.60 -26.76 -25.84
C ASP B 107 7.17 -28.06 -25.13
N ALA B 108 5.92 -28.50 -25.39
CA ALA B 108 5.43 -29.79 -24.83
C ALA B 108 6.31 -30.95 -25.29
N ARG B 109 6.75 -30.98 -26.54
CA ARG B 109 7.65 -32.08 -26.96
C ARG B 109 8.97 -32.13 -26.22
N MET B 110 9.49 -30.94 -25.93
CA MET B 110 10.75 -30.88 -25.21
C MET B 110 10.59 -31.13 -23.69
N LEU B 111 9.54 -30.55 -23.10
CA LEU B 111 9.47 -30.45 -21.64
C LEU B 111 8.52 -31.42 -20.95
N ALA B 112 7.56 -31.99 -21.70
CA ALA B 112 6.59 -32.93 -21.09
C ALA B 112 7.00 -34.36 -21.41
N SER B 113 6.35 -35.28 -20.70
CA SER B 113 6.39 -36.70 -21.00
C SER B 113 6.08 -36.94 -22.46
N GLN B 114 6.83 -37.85 -23.10
CA GLN B 114 6.52 -38.18 -24.50
C GLN B 114 5.19 -38.84 -24.63
N ASN B 115 4.61 -39.20 -23.47
CA ASN B 115 3.33 -39.84 -23.47
C ASN B 115 2.18 -38.94 -22.99
N ILE B 116 2.44 -37.64 -22.83
CA ILE B 116 1.35 -36.72 -22.49
C ILE B 116 0.27 -36.78 -23.59
N VAL B 117 -0.97 -36.70 -23.17
CA VAL B 117 -2.10 -36.59 -24.08
C VAL B 117 -2.52 -35.13 -24.18
N ILE B 118 -2.56 -34.64 -25.41
CA ILE B 118 -2.96 -33.23 -25.65
C ILE B 118 -4.19 -33.18 -26.52
N ILE B 119 -5.21 -32.46 -26.05
CA ILE B 119 -6.48 -32.23 -26.81
C ILE B 119 -6.43 -30.79 -27.33
N LEU B 120 -6.67 -30.63 -28.62
CA LEU B 120 -6.64 -29.29 -29.21
C LEU B 120 -8.05 -28.70 -29.13
N CYS B 121 -8.19 -27.52 -28.54
CA CYS B 121 -9.50 -26.86 -28.33
C CYS B 121 -9.51 -25.56 -29.11
N GLY B 122 -10.38 -25.46 -30.10
CA GLY B 122 -10.62 -24.19 -30.79
C GLY B 122 -11.81 -23.54 -30.08
N ASN B 123 -11.49 -22.57 -29.23
CA ASN B 123 -12.47 -21.98 -28.33
C ASN B 123 -13.19 -20.77 -28.95
N LYS B 124 -14.25 -20.34 -28.27
CA LYS B 124 -15.12 -19.26 -28.69
C LYS B 124 -15.98 -19.59 -29.93
N LYS B 125 -16.39 -20.85 -30.03
CA LYS B 125 -17.26 -21.29 -31.12
C LYS B 125 -18.56 -20.49 -31.23
N ASP B 126 -19.05 -20.01 -30.09
CA ASP B 126 -20.23 -19.18 -30.07
C ASP B 126 -20.09 -17.84 -30.86
N LEU B 127 -18.85 -17.44 -31.09
CA LEU B 127 -18.50 -16.27 -31.85
C LEU B 127 -18.11 -16.66 -33.28
N ASP B 128 -18.65 -17.77 -33.78
CA ASP B 128 -18.28 -18.17 -35.16
C ASP B 128 -18.60 -17.19 -36.27
N ALA B 129 -19.53 -16.24 -36.02
CA ALA B 129 -19.72 -15.09 -36.92
C ALA B 129 -18.41 -14.37 -37.28
N ASP B 130 -17.47 -14.39 -36.33
CA ASP B 130 -16.17 -13.72 -36.44
C ASP B 130 -15.01 -14.71 -36.63
N ARG B 131 -15.34 -15.93 -37.01
CA ARG B 131 -14.32 -16.94 -37.22
C ARG B 131 -13.19 -16.47 -38.17
N GLU B 132 -11.94 -16.77 -37.79
CA GLU B 132 -10.79 -16.51 -38.66
C GLU B 132 -10.02 -17.78 -39.03
N VAL B 133 -10.38 -18.90 -38.37
CA VAL B 133 -9.68 -20.19 -38.57
C VAL B 133 -10.75 -21.20 -38.93
N THR B 134 -10.67 -21.82 -40.10
CA THR B 134 -11.72 -22.76 -40.45
C THR B 134 -11.60 -24.06 -39.70
N PHE B 135 -12.72 -24.77 -39.62
CA PHE B 135 -12.74 -26.07 -39.00
C PHE B 135 -11.83 -27.03 -39.76
N LEU B 136 -11.88 -26.99 -41.07
CA LEU B 136 -11.14 -27.96 -41.86
C LEU B 136 -9.63 -27.71 -41.77
N GLU B 137 -9.23 -26.44 -41.83
CA GLU B 137 -7.76 -26.17 -41.74
C GLU B 137 -7.20 -26.56 -40.38
N ALA B 138 -7.93 -26.28 -39.32
CA ALA B 138 -7.47 -26.66 -37.98
C ALA B 138 -7.49 -28.19 -37.82
N SER B 139 -8.43 -28.85 -38.50
CA SER B 139 -8.54 -30.29 -38.51
C SER B 139 -7.33 -30.92 -39.18
N ARG B 140 -6.85 -30.29 -40.23
CA ARG B 140 -5.68 -30.75 -40.95
C ARG B 140 -4.48 -30.59 -40.04
N PHE B 141 -4.32 -29.41 -39.43
CA PHE B 141 -3.20 -29.24 -38.51
C PHE B 141 -3.25 -30.30 -37.39
N ALA B 142 -4.40 -30.52 -36.80
CA ALA B 142 -4.52 -31.49 -35.71
C ALA B 142 -4.08 -32.87 -36.15
N GLN B 143 -4.58 -33.32 -37.31
CA GLN B 143 -4.30 -34.67 -37.76
C GLN B 143 -2.77 -34.81 -38.00
N GLU B 144 -2.19 -33.74 -38.53
CA GLU B 144 -0.77 -33.72 -38.88
C GLU B 144 0.07 -33.86 -37.60
N ASN B 145 -0.46 -33.36 -36.50
CA ASN B 145 0.23 -33.41 -35.20
C ASN B 145 -0.32 -34.47 -34.25
N GLU B 146 -1.12 -35.40 -34.79
CA GLU B 146 -1.69 -36.50 -34.00
C GLU B 146 -2.48 -36.00 -32.77
N LEU B 147 -3.29 -34.95 -32.97
CA LEU B 147 -4.08 -34.35 -31.89
C LEU B 147 -5.53 -34.57 -32.16
N MET B 148 -6.29 -34.93 -31.13
CA MET B 148 -7.75 -34.92 -31.25
C MET B 148 -8.22 -33.48 -31.11
N PHE B 149 -9.12 -33.06 -31.98
CA PHE B 149 -9.56 -31.68 -32.06
C PHE B 149 -11.05 -31.50 -31.87
N LEU B 150 -11.38 -30.57 -30.97
CA LEU B 150 -12.75 -30.12 -30.70
C LEU B 150 -12.81 -28.61 -30.76
N GLU B 151 -13.91 -28.07 -31.31
CA GLU B 151 -14.20 -26.65 -31.04
C GLU B 151 -15.08 -26.55 -29.83
N THR B 152 -14.83 -25.52 -29.03
CA THR B 152 -15.47 -25.42 -27.71
C THR B 152 -16.05 -24.04 -27.54
N SER B 153 -17.00 -23.93 -26.61
CA SER B 153 -17.39 -22.61 -26.09
C SER B 153 -17.41 -22.57 -24.58
N ALA B 154 -16.58 -21.73 -23.99
CA ALA B 154 -16.70 -21.57 -22.53
C ALA B 154 -17.95 -20.82 -22.11
N LEU B 155 -18.56 -20.08 -23.02
CA LEU B 155 -19.79 -19.40 -22.74
C LEU B 155 -20.98 -20.36 -22.62
N THR B 156 -21.18 -21.20 -23.63
CA THR B 156 -22.33 -22.12 -23.62
C THR B 156 -22.01 -23.42 -22.92
N GLY B 157 -20.72 -23.79 -22.89
CA GLY B 157 -20.32 -25.07 -22.34
C GLY B 157 -20.14 -26.10 -23.45
N GLU B 158 -20.43 -25.74 -24.70
CA GLU B 158 -20.33 -26.73 -25.83
C GLU B 158 -18.94 -27.38 -25.86
N ASN B 159 -18.93 -28.72 -25.74
CA ASN B 159 -17.73 -29.56 -25.76
C ASN B 159 -16.71 -29.30 -24.69
N VAL B 160 -17.07 -28.57 -23.64
CA VAL B 160 -16.08 -28.28 -22.57
C VAL B 160 -15.78 -29.47 -21.67
N GLU B 161 -16.82 -30.03 -21.07
CA GLU B 161 -16.62 -31.27 -20.32
C GLU B 161 -15.98 -32.33 -21.25
N GLU B 162 -16.48 -32.36 -22.45
CA GLU B 162 -16.03 -33.34 -23.42
C GLU B 162 -14.53 -33.28 -23.66
N ALA B 163 -13.96 -32.10 -23.72
CA ALA B 163 -12.52 -31.99 -23.93
C ALA B 163 -11.73 -32.62 -22.78
N PHE B 164 -12.14 -32.29 -21.55
CA PHE B 164 -11.51 -32.87 -20.33
C PHE B 164 -11.68 -34.37 -20.26
N VAL B 165 -12.87 -34.84 -20.58
CA VAL B 165 -13.18 -36.29 -20.54
C VAL B 165 -12.35 -37.03 -21.61
N GLN B 166 -12.34 -36.50 -22.82
CA GLN B 166 -11.52 -37.12 -23.89
C GLN B 166 -10.05 -37.25 -23.48
N CYS B 167 -9.54 -36.23 -22.81
CA CYS B 167 -8.18 -36.33 -22.40
C CYS B 167 -8.00 -37.48 -21.40
N ALA B 168 -8.87 -37.49 -20.40
CA ALA B 168 -8.84 -38.57 -19.44
C ALA B 168 -9.02 -39.97 -20.07
N ARG B 169 -9.98 -40.14 -21.01
CA ARG B 169 -10.16 -41.42 -21.66
C ARG B 169 -8.86 -41.88 -22.35
N LYS B 170 -8.18 -40.95 -23.04
CA LYS B 170 -6.98 -41.32 -23.76
C LYS B 170 -5.85 -41.74 -22.83
N ILE B 171 -5.76 -41.06 -21.68
CA ILE B 171 -4.78 -41.47 -20.66
C ILE B 171 -5.14 -42.89 -20.12
N LEU B 172 -6.41 -43.12 -19.80
CA LEU B 172 -6.85 -44.43 -19.32
C LEU B 172 -6.58 -45.55 -20.33
N ASN B 173 -6.75 -45.23 -21.62
CA ASN B 173 -6.48 -46.24 -22.64
C ASN B 173 -4.98 -46.55 -22.71
N LYS B 174 -4.12 -45.53 -22.49
CA LYS B 174 -2.67 -45.79 -22.49
C LYS B 174 -2.29 -46.68 -21.32
N ILE B 175 -2.92 -46.39 -20.19
CA ILE B 175 -2.67 -47.16 -18.98
C ILE B 175 -3.01 -48.62 -19.21
N GLU B 176 -4.17 -48.88 -19.82
CA GLU B 176 -4.68 -50.24 -20.02
C GLU B 176 -3.87 -51.00 -21.07
N SER B 177 -3.66 -50.40 -22.23
CA SER B 177 -3.11 -51.16 -23.37
C SER B 177 -2.08 -50.37 -24.17
N SER C 4 23.22 2.22 4.59
CA SER C 4 22.48 0.93 4.74
C SER C 4 21.01 1.09 5.16
N GLU C 5 20.79 1.86 6.24
CA GLU C 5 19.46 2.19 6.79
C GLU C 5 18.65 0.98 7.25
N THR C 6 19.31 -0.09 7.69
CA THR C 6 18.62 -1.25 8.28
C THR C 6 18.51 -1.16 9.82
N TYR C 7 17.57 -1.92 10.37
CA TYR C 7 17.29 -1.88 11.79
C TYR C 7 16.74 -3.24 12.23
N ASP C 8 16.76 -3.44 13.56
CA ASP C 8 16.27 -4.68 14.17
C ASP C 8 14.87 -4.48 14.73
N PHE C 9 14.55 -3.26 15.12
CA PHE C 9 13.23 -2.90 15.68
C PHE C 9 12.66 -1.61 15.11
N LEU C 10 11.34 -1.52 15.01
CA LEU C 10 10.69 -0.27 14.59
C LEU C 10 9.66 0.15 15.63
N PHE C 11 9.79 1.35 16.22
CA PHE C 11 8.79 1.80 17.18
C PHE C 11 8.16 3.12 16.72
N LYS C 12 6.86 3.26 16.93
CA LYS C 12 6.16 4.55 16.75
C LYS C 12 6.09 5.33 18.05
N PHE C 13 6.56 6.57 17.96
CA PHE C 13 6.58 7.47 19.10
C PHE C 13 5.74 8.71 18.81
N LEU C 14 5.19 9.31 19.87
CA LEU C 14 4.54 10.64 19.79
C LEU C 14 5.32 11.65 20.59
N VAL C 15 5.19 12.92 20.24
CA VAL C 15 5.68 14.04 21.08
C VAL C 15 4.46 14.87 21.28
N ILE C 16 4.07 14.98 22.55
CA ILE C 16 2.80 15.57 22.98
C ILE C 16 3.01 16.56 24.13
N GLY C 17 2.07 17.49 24.29
CA GLY C 17 2.11 18.53 25.33
C GLY C 17 1.70 19.90 24.83
N ASN C 18 1.53 20.84 25.76
CA ASN C 18 0.95 22.13 25.41
C ASN C 18 1.73 22.87 24.31
N ALA C 19 0.99 23.74 23.63
CA ALA C 19 1.58 24.58 22.58
C ALA C 19 2.72 25.41 23.19
N GLY C 20 3.82 25.53 22.44
CA GLY C 20 4.96 26.36 22.80
C GLY C 20 5.91 25.78 23.84
N THR C 21 5.73 24.52 24.20
CA THR C 21 6.62 23.93 25.15
C THR C 21 7.97 23.55 24.57
N GLY C 22 8.06 23.40 23.25
CA GLY C 22 9.33 23.04 22.59
C GLY C 22 9.41 21.72 21.87
N LYS C 23 8.25 21.07 21.69
CA LYS C 23 8.18 19.74 21.07
C LYS C 23 8.89 19.71 19.73
N SER C 24 8.57 20.66 18.85
CA SER C 24 9.16 20.62 17.53
C SER C 24 10.67 20.92 17.59
N CYS C 25 11.07 21.80 18.49
CA CYS C 25 12.53 22.07 18.66
C CYS C 25 13.26 20.85 19.27
N LEU C 26 12.61 20.13 20.16
CA LEU C 26 13.21 18.89 20.67
C LEU C 26 13.42 17.92 19.51
N LEU C 27 12.41 17.71 18.64
CA LEU C 27 12.60 16.78 17.58
C LEU C 27 13.69 17.20 16.63
N HIS C 28 13.77 18.48 16.30
CA HIS C 28 14.81 18.96 15.35
C HIS C 28 16.21 18.88 15.96
N GLN C 29 16.33 19.13 17.27
CA GLN C 29 17.62 18.92 17.95
C GLN C 29 18.01 17.44 17.94
N PHE C 30 17.05 16.54 18.14
CA PHE C 30 17.36 15.09 18.08
C PHE C 30 17.83 14.66 16.71
N ILE C 31 17.08 15.03 15.68
CA ILE C 31 17.35 14.55 14.31
C ILE C 31 18.53 15.28 13.66
N GLU C 32 18.50 16.61 13.73
CA GLU C 32 19.46 17.48 13.01
C GLU C 32 20.61 18.04 13.89
N LYS C 33 20.52 17.83 15.20
CA LYS C 33 21.57 18.16 16.19
C LYS C 33 21.87 19.62 16.21
N LYS C 34 20.86 20.42 15.95
CA LYS C 34 20.98 21.87 16.11
C LYS C 34 19.60 22.45 16.56
N PHE C 35 19.64 23.71 17.00
CA PHE C 35 18.47 24.44 17.39
C PHE C 35 17.87 25.15 16.23
N LYS C 36 16.58 24.92 16.02
CA LYS C 36 15.81 25.64 15.01
C LYS C 36 15.20 26.87 15.71
N ASP C 37 15.65 28.10 15.40
CA ASP C 37 15.15 29.25 16.19
C ASP C 37 13.96 30.00 15.59
N ASP C 38 13.53 29.57 14.41
CA ASP C 38 12.41 30.23 13.74
C ASP C 38 11.18 29.31 13.62
N SER C 39 11.03 28.38 14.54
CA SER C 39 9.84 27.51 14.49
C SER C 39 8.54 28.32 14.66
N ASN C 40 7.51 27.84 13.97
CA ASN C 40 6.14 28.33 14.14
C ASN C 40 5.29 27.22 14.78
N HIS C 41 4.09 27.58 15.24
CA HIS C 41 3.18 26.56 15.78
C HIS C 41 2.95 25.49 14.70
N THR C 42 2.97 24.22 15.14
CA THR C 42 2.72 23.06 14.30
C THR C 42 1.25 22.97 13.93
N ILE C 43 0.95 22.83 12.63
CA ILE C 43 -0.42 22.69 12.17
C ILE C 43 -0.65 21.21 11.99
N GLY C 44 -1.49 20.63 12.83
CA GLY C 44 -1.72 19.22 12.68
C GLY C 44 -0.61 18.43 13.31
N VAL C 45 0.01 17.56 12.52
CA VAL C 45 1.14 16.80 12.98
C VAL C 45 2.28 16.91 11.94
N GLU C 46 3.49 16.62 12.39
CA GLU C 46 4.64 16.56 11.52
C GLU C 46 5.35 15.26 11.84
N PHE C 47 6.24 14.81 10.95
CA PHE C 47 6.87 13.48 11.05
C PHE C 47 8.41 13.62 10.98
N GLY C 48 9.10 12.90 11.84
CA GLY C 48 10.52 12.67 11.70
C GLY C 48 10.89 11.25 12.02
N SER C 49 12.03 10.79 11.52
CA SER C 49 12.53 9.48 11.88
C SER C 49 14.04 9.49 12.03
N LYS C 50 14.55 8.54 12.81
CA LYS C 50 15.95 8.39 13.11
C LYS C 50 16.19 6.96 13.56
N ILE C 51 17.32 6.38 13.14
CA ILE C 51 17.79 5.09 13.67
C ILE C 51 18.81 5.29 14.77
N ILE C 52 18.54 4.67 15.91
CA ILE C 52 19.46 4.72 17.02
C ILE C 52 20.02 3.35 17.33
N ASN C 53 21.21 3.36 17.92
CA ASN C 53 21.88 2.14 18.37
C ASN C 53 21.78 1.99 19.89
N VAL C 54 21.04 0.98 20.35
CA VAL C 54 20.88 0.72 21.79
C VAL C 54 21.47 -0.62 22.17
N GLY C 55 22.60 -0.63 22.86
CA GLY C 55 23.24 -1.89 23.19
C GLY C 55 23.56 -2.84 22.04
N GLY C 56 23.73 -2.28 20.84
CA GLY C 56 24.01 -3.07 19.66
C GLY C 56 22.79 -3.48 18.86
N LYS C 57 21.60 -3.20 19.41
CA LYS C 57 20.29 -3.31 18.70
C LYS C 57 19.93 -1.99 18.03
N TYR C 58 19.65 -2.08 16.71
CA TYR C 58 19.29 -0.90 15.94
C TYR C 58 17.77 -0.67 15.94
N VAL C 59 17.39 0.50 16.38
CA VAL C 59 15.99 0.85 16.50
C VAL C 59 15.65 2.05 15.64
N LYS C 60 14.70 1.87 14.73
CA LYS C 60 14.16 2.97 13.97
C LYS C 60 12.98 3.58 14.69
N LEU C 61 13.04 4.88 14.91
CA LEU C 61 11.93 5.60 15.57
C LEU C 61 11.14 6.36 14.53
N GLN C 62 9.85 6.09 14.43
CA GLN C 62 8.93 6.86 13.61
C GLN C 62 8.23 7.82 14.56
N ILE C 63 8.56 9.10 14.45
CA ILE C 63 8.19 10.10 15.46
C ILE C 63 7.16 11.09 14.93
N TRP C 64 6.06 11.17 15.66
CA TRP C 64 4.96 12.07 15.28
C TRP C 64 4.97 13.24 16.22
N ASP C 65 5.36 14.42 15.68
CA ASP C 65 5.42 15.66 16.43
C ASP C 65 4.08 16.37 16.33
N THR C 66 3.33 16.44 17.42
CA THR C 66 1.93 16.87 17.36
C THR C 66 1.78 18.34 17.66
N ALA C 67 0.73 18.95 17.10
CA ALA C 67 0.35 20.30 17.53
C ALA C 67 -0.10 20.24 18.98
N GLY C 68 0.33 21.23 19.74
CA GLY C 68 -0.21 21.46 21.06
C GLY C 68 -1.40 22.36 21.08
N GLN C 69 -1.62 23.20 20.04
CA GLN C 69 -2.80 24.07 20.05
C GLN C 69 -4.10 23.27 20.09
N GLU C 70 -5.03 23.70 20.96
CA GLU C 70 -6.28 22.98 21.15
C GLU C 70 -7.11 22.93 19.85
N ARG C 71 -6.99 23.96 18.99
CA ARG C 71 -7.74 23.93 17.73
C ARG C 71 -7.41 22.71 16.84
N PHE C 72 -6.24 22.11 17.02
CA PHE C 72 -5.88 20.92 16.24
C PHE C 72 -5.87 19.65 17.09
N ARG C 73 -6.56 19.65 18.23
CA ARG C 73 -6.40 18.55 19.19
C ARG C 73 -7.04 17.27 18.58
N SER C 74 -8.14 17.38 17.87
CA SER C 74 -8.68 16.17 17.36
C SER C 74 -7.82 15.58 16.26
N VAL C 75 -7.23 16.47 15.43
CA VAL C 75 -6.28 15.96 14.44
C VAL C 75 -5.14 15.18 15.09
N THR C 76 -4.54 15.71 16.16
CA THR C 76 -3.44 15.00 16.80
C THR C 76 -3.91 13.64 17.40
N ARG C 77 -5.14 13.59 17.90
CA ARG C 77 -5.62 12.40 18.60
C ARG C 77 -5.75 11.22 17.66
N SER C 78 -5.92 11.49 16.37
CA SER C 78 -5.95 10.44 15.34
C SER C 78 -4.61 9.70 15.19
N TYR C 79 -3.51 10.32 15.59
CA TYR C 79 -2.20 9.68 15.45
C TYR C 79 -1.76 8.81 16.62
N TYR C 80 -2.55 8.77 17.67
CA TYR C 80 -2.12 8.18 18.92
C TYR C 80 -2.14 6.65 18.86
N ARG C 81 -3.16 6.09 18.23
CA ARG C 81 -3.37 4.65 18.27
C ARG C 81 -2.13 3.90 17.79
N GLY C 82 -1.67 2.93 18.57
CA GLY C 82 -0.49 2.17 18.18
C GLY C 82 0.87 2.70 18.62
N ALA C 83 0.93 3.91 19.20
CA ALA C 83 2.23 4.35 19.68
C ALA C 83 2.76 3.49 20.84
N ALA C 84 4.04 3.09 20.73
CA ALA C 84 4.72 2.36 21.77
C ALA C 84 5.33 3.28 22.81
N GLY C 85 5.64 4.50 22.45
CA GLY C 85 6.24 5.40 23.39
C GLY C 85 5.86 6.83 23.12
N ALA C 86 6.04 7.69 24.11
CA ALA C 86 5.76 9.13 23.90
C ALA C 86 6.66 9.96 24.77
N LEU C 87 7.09 11.11 24.22
CA LEU C 87 7.68 12.15 25.05
C LEU C 87 6.57 13.12 25.39
N LEU C 88 6.29 13.31 26.67
CA LEU C 88 5.29 14.23 27.19
C LEU C 88 6.04 15.45 27.73
N VAL C 89 5.77 16.59 27.11
CA VAL C 89 6.62 17.78 27.27
C VAL C 89 5.86 18.90 27.97
N TYR C 90 6.54 19.54 28.93
CA TYR C 90 6.07 20.85 29.46
C TYR C 90 7.25 21.82 29.43
N ASP C 91 6.97 23.08 29.73
CA ASP C 91 8.02 24.15 29.81
C ASP C 91 8.23 24.46 31.27
N ILE C 92 9.47 24.35 31.77
CA ILE C 92 9.71 24.58 33.20
C ILE C 92 9.41 26.01 33.63
N THR C 93 9.36 26.96 32.67
CA THR C 93 9.10 28.37 32.98
C THR C 93 7.59 28.71 32.87
N SER C 94 6.78 27.69 32.57
CA SER C 94 5.34 27.95 32.41
C SER C 94 4.49 26.96 33.17
N ARG C 95 4.02 27.37 34.33
CA ARG C 95 3.26 26.48 35.17
C ARG C 95 1.99 25.95 34.52
N GLU C 96 1.33 26.74 33.69
CA GLU C 96 0.13 26.24 33.01
C GLU C 96 0.45 24.99 32.18
N THR C 97 1.64 24.94 31.60
CA THR C 97 1.98 23.76 30.76
C THR C 97 2.20 22.49 31.59
N TYR C 98 2.72 22.68 32.80
CA TYR C 98 2.81 21.63 33.82
C TYR C 98 1.46 21.18 34.40
N ASN C 99 0.59 22.14 34.70
CA ASN C 99 -0.74 21.81 35.18
C ASN C 99 -1.54 20.94 34.20
N ALA C 100 -1.20 21.05 32.90
CA ALA C 100 -1.91 20.37 31.81
C ALA C 100 -1.53 18.89 31.73
N LEU C 101 -0.53 18.45 32.48
CA LEU C 101 0.03 17.09 32.24
C LEU C 101 -0.89 15.94 32.53
N THR C 102 -1.68 16.06 33.59
CA THR C 102 -2.61 14.98 33.95
C THR C 102 -3.55 14.69 32.78
N ASN C 103 -4.05 15.74 32.17
CA ASN C 103 -4.93 15.59 31.01
C ASN C 103 -4.26 14.98 29.79
N TRP C 104 -2.99 15.33 29.55
CA TRP C 104 -2.24 14.73 28.43
C TRP C 104 -2.02 13.21 28.66
N LEU C 105 -1.67 12.89 29.90
CA LEU C 105 -1.39 11.53 30.29
C LEU C 105 -2.62 10.62 30.13
N THR C 106 -3.79 11.09 30.62
CA THR C 106 -5.05 10.41 30.44
C THR C 106 -5.26 10.09 28.98
N ASP C 107 -5.10 11.10 28.11
CA ASP C 107 -5.36 10.89 26.69
C ASP C 107 -4.39 9.89 26.06
N ALA C 108 -3.13 9.95 26.46
CA ALA C 108 -2.10 9.10 25.86
C ALA C 108 -2.39 7.65 26.21
N ARG C 109 -2.76 7.45 27.48
CA ARG C 109 -3.02 6.11 27.95
C ARG C 109 -4.31 5.54 27.41
N MET C 110 -5.35 6.39 27.28
CA MET C 110 -6.64 5.95 26.77
C MET C 110 -6.60 5.73 25.26
N LEU C 111 -6.05 6.69 24.51
CA LEU C 111 -6.04 6.66 23.04
C LEU C 111 -4.89 5.88 22.43
N ALA C 112 -3.77 5.70 23.14
CA ALA C 112 -2.67 4.88 22.61
C ALA C 112 -2.86 3.49 23.24
N SER C 113 -2.20 3.23 24.36
CA SER C 113 -2.56 2.11 25.24
C SER C 113 -2.11 2.37 26.67
N GLN C 114 -2.61 1.55 27.58
CA GLN C 114 -2.18 1.57 28.97
C GLN C 114 -0.69 1.21 29.05
N ASN C 115 -0.19 0.49 28.04
CA ASN C 115 1.21 -0.01 27.92
C ASN C 115 2.28 0.99 27.36
N ILE C 116 1.85 2.13 26.84
CA ILE C 116 2.78 3.09 26.27
C ILE C 116 3.87 3.54 27.27
N VAL C 117 5.13 3.61 26.80
CA VAL C 117 6.21 4.15 27.65
C VAL C 117 6.27 5.63 27.52
N ILE C 118 6.18 6.34 28.66
CA ILE C 118 6.14 7.81 28.60
C ILE C 118 7.32 8.39 29.35
N ILE C 119 8.07 9.24 28.64
CA ILE C 119 9.19 9.96 29.25
C ILE C 119 8.67 11.40 29.46
N LEU C 120 8.67 11.85 30.72
CA LEU C 120 8.28 13.22 30.99
C LEU C 120 9.47 14.16 30.78
N CYS C 121 9.27 15.20 29.99
CA CYS C 121 10.35 16.11 29.66
C CYS C 121 10.02 17.53 30.12
N GLY C 122 10.78 18.06 31.10
CA GLY C 122 10.64 19.46 31.53
C GLY C 122 11.60 20.25 30.68
N ASN C 123 11.09 20.87 29.64
CA ASN C 123 11.97 21.52 28.66
C ASN C 123 12.27 22.99 28.97
N LYS C 124 13.19 23.57 28.21
CA LYS C 124 13.71 24.89 28.39
C LYS C 124 14.53 25.01 29.70
N LYS C 125 15.26 23.94 30.05
CA LYS C 125 16.24 23.99 31.21
C LYS C 125 17.18 25.18 31.17
N ASP C 126 17.59 25.56 29.95
CA ASP C 126 18.51 26.70 29.80
C ASP C 126 17.90 28.03 30.28
N LEU C 127 16.56 28.09 30.40
CA LEU C 127 15.86 29.28 30.91
C LEU C 127 15.52 29.10 32.40
N ASP C 128 16.28 28.28 33.10
CA ASP C 128 15.99 28.07 34.53
C ASP C 128 15.95 29.32 35.43
N ALA C 129 16.54 30.42 34.98
CA ALA C 129 16.40 31.68 35.74
C ALA C 129 14.94 32.05 35.95
N ASP C 130 14.10 31.57 35.04
CA ASP C 130 12.68 31.92 34.97
C ASP C 130 11.83 30.68 35.33
N ARG C 131 12.50 29.71 35.96
CA ARG C 131 11.79 28.50 36.43
C ARG C 131 10.52 28.79 37.26
N GLU C 132 9.41 28.10 36.91
CA GLU C 132 8.12 28.16 37.63
C GLU C 132 7.74 26.80 38.24
N VAL C 133 8.42 25.73 37.84
CA VAL C 133 8.13 24.39 38.34
C VAL C 133 9.39 23.81 38.93
N THR C 134 9.37 23.37 40.19
CA THR C 134 10.64 22.86 40.75
C THR C 134 10.93 21.46 40.26
N PHE C 135 12.21 21.13 40.31
CA PHE C 135 12.60 19.76 39.97
C PHE C 135 11.98 18.77 40.91
N LEU C 136 11.96 19.06 42.21
CA LEU C 136 11.37 18.12 43.16
C LEU C 136 9.88 17.92 42.94
N GLU C 137 9.12 19.01 42.68
CA GLU C 137 7.66 18.81 42.54
C GLU C 137 7.34 18.00 41.28
N ALA C 138 8.04 18.28 40.20
CA ALA C 138 7.80 17.49 38.99
C ALA C 138 8.28 16.04 39.15
N SER C 139 9.36 15.85 39.92
CA SER C 139 9.82 14.50 40.19
C SER C 139 8.77 13.71 40.99
N ARG C 140 8.08 14.39 41.88
CA ARG C 140 6.99 13.75 42.65
C ARG C 140 5.84 13.35 41.73
N PHE C 141 5.43 14.28 40.89
CA PHE C 141 4.44 13.97 39.85
C PHE C 141 4.84 12.77 38.98
N ALA C 142 6.07 12.76 38.51
CA ALA C 142 6.56 11.68 37.69
C ALA C 142 6.52 10.33 38.41
N GLN C 143 7.07 10.27 39.62
CA GLN C 143 7.10 9.03 40.40
C GLN C 143 5.66 8.52 40.66
N GLU C 144 4.80 9.43 41.07
CA GLU C 144 3.37 9.11 41.32
C GLU C 144 2.67 8.51 40.12
N ASN C 145 3.10 8.88 38.92
CA ASN C 145 2.41 8.49 37.68
C ASN C 145 3.23 7.53 36.80
N GLU C 146 4.27 6.95 37.41
CA GLU C 146 5.13 5.95 36.81
C GLU C 146 5.75 6.47 35.49
N LEU C 147 6.25 7.69 35.54
CA LEU C 147 6.95 8.33 34.39
C LEU C 147 8.42 8.49 34.73
N MET C 148 9.29 8.25 33.77
CA MET C 148 10.71 8.62 33.97
C MET C 148 10.88 10.08 33.58
N PHE C 149 11.52 10.82 34.44
CA PHE C 149 11.58 12.31 34.30
C PHE C 149 13.00 12.87 34.02
N LEU C 150 13.12 13.69 32.95
CA LEU C 150 14.35 14.40 32.57
C LEU C 150 14.03 15.88 32.31
N GLU C 151 14.87 16.79 32.76
CA GLU C 151 14.73 18.17 32.29
C GLU C 151 15.64 18.28 31.06
N THR C 152 15.12 18.94 30.06
CA THR C 152 15.78 19.02 28.71
C THR C 152 15.97 20.46 28.27
N SER C 153 16.87 20.63 27.31
CA SER C 153 16.96 21.87 26.57
C SER C 153 17.08 21.58 25.10
N ALA C 154 16.06 21.94 24.31
CA ALA C 154 16.26 21.93 22.87
C ALA C 154 17.30 22.89 22.33
N LEU C 155 17.62 23.96 23.06
CA LEU C 155 18.63 24.90 22.64
C LEU C 155 20.06 24.31 22.75
N THR C 156 20.41 23.74 23.90
CA THR C 156 21.76 23.18 24.06
C THR C 156 21.83 21.71 23.70
N GLY C 157 20.69 21.05 23.68
CA GLY C 157 20.66 19.61 23.46
C GLY C 157 20.71 18.81 24.74
N GLU C 158 20.79 19.49 25.90
CA GLU C 158 20.91 18.72 27.16
C GLU C 158 19.71 17.72 27.32
N ASN C 159 20.06 16.44 27.46
CA ASN C 159 19.14 15.32 27.67
C ASN C 159 18.17 15.00 26.53
N VAL C 160 18.37 15.64 25.36
CA VAL C 160 17.39 15.44 24.29
C VAL C 160 17.49 14.06 23.67
N GLU C 161 18.69 13.72 23.22
CA GLU C 161 18.91 12.36 22.70
C GLU C 161 18.55 11.35 23.82
N GLU C 162 18.96 11.64 25.05
CA GLU C 162 18.67 10.75 26.15
C GLU C 162 17.19 10.46 26.38
N ALA C 163 16.34 11.46 26.20
CA ALA C 163 14.91 11.20 26.36
C ALA C 163 14.37 10.18 25.37
N PHE C 164 14.76 10.35 24.11
CA PHE C 164 14.35 9.37 23.12
C PHE C 164 14.97 8.02 23.31
N VAL C 165 16.27 8.01 23.64
CA VAL C 165 16.93 6.74 23.93
C VAL C 165 16.34 6.02 25.13
N GLN C 166 15.98 6.75 26.18
CA GLN C 166 15.37 6.09 27.37
C GLN C 166 14.05 5.46 27.03
N CYS C 167 13.24 6.14 26.25
CA CYS C 167 11.96 5.58 25.86
C CYS C 167 12.20 4.26 25.11
N ALA C 168 13.11 4.26 24.15
CA ALA C 168 13.41 3.05 23.36
C ALA C 168 13.97 1.90 24.27
N ARG C 169 14.83 2.25 25.22
CA ARG C 169 15.35 1.26 26.13
C ARG C 169 14.26 0.58 26.96
N LYS C 170 13.34 1.39 27.48
CA LYS C 170 12.26 0.81 28.28
C LYS C 170 11.30 -0.12 27.50
N ILE C 171 11.05 0.23 26.24
CA ILE C 171 10.26 -0.63 25.37
C ILE C 171 10.99 -1.91 25.09
N LEU C 172 12.28 -1.80 24.78
CA LEU C 172 13.07 -2.98 24.56
C LEU C 172 13.11 -3.93 25.79
N ASN C 173 13.23 -3.32 26.97
CA ASN C 173 13.22 -4.11 28.19
C ASN C 173 11.90 -4.83 28.39
N LYS C 174 10.76 -4.16 28.05
CA LYS C 174 9.43 -4.84 28.08
C LYS C 174 9.39 -6.02 27.10
N ILE C 175 9.91 -5.80 25.89
CA ILE C 175 9.96 -6.90 24.92
C ILE C 175 10.78 -8.11 25.43
N GLU C 176 11.95 -7.82 26.01
CA GLU C 176 12.84 -8.87 26.48
C GLU C 176 12.23 -9.56 27.70
N SER C 177 11.74 -8.74 28.64
CA SER C 177 11.18 -9.20 29.91
C SER C 177 9.94 -8.38 30.25
N SER D 4 -15.49 34.10 16.83
CA SER D 4 -16.71 33.36 16.42
C SER D 4 -17.43 33.94 15.18
N GLU D 5 -18.62 33.40 14.90
CA GLU D 5 -19.59 33.87 13.89
C GLU D 5 -20.50 32.71 13.44
N THR D 6 -21.68 33.03 12.93
CA THR D 6 -22.71 32.05 12.62
C THR D 6 -22.58 31.43 11.20
N TYR D 7 -22.99 30.17 11.02
CA TYR D 7 -22.94 29.56 9.67
C TYR D 7 -23.97 28.45 9.54
N ASP D 8 -24.39 28.18 8.31
CA ASP D 8 -25.39 27.18 8.00
C ASP D 8 -24.85 25.85 7.49
N PHE D 9 -23.64 25.86 6.95
CA PHE D 9 -22.99 24.67 6.40
C PHE D 9 -21.50 24.72 6.76
N LEU D 10 -20.89 23.56 6.93
CA LEU D 10 -19.46 23.45 7.20
C LEU D 10 -18.93 22.42 6.18
N PHE D 11 -18.00 22.82 5.31
CA PHE D 11 -17.35 21.90 4.34
C PHE D 11 -15.87 21.88 4.58
N LYS D 12 -15.25 20.69 4.43
CA LYS D 12 -13.80 20.56 4.43
C LYS D 12 -13.25 20.63 3.00
N PHE D 13 -12.25 21.48 2.75
CA PHE D 13 -11.69 21.66 1.39
C PHE D 13 -10.20 21.35 1.46
N LEU D 14 -9.65 20.93 0.31
CA LEU D 14 -8.20 20.80 0.17
C LEU D 14 -7.66 21.76 -0.86
N VAL D 15 -6.35 22.06 -0.82
CA VAL D 15 -5.72 22.74 -1.98
C VAL D 15 -4.55 21.86 -2.30
N ILE D 16 -4.53 21.30 -3.52
CA ILE D 16 -3.56 20.24 -3.89
C ILE D 16 -2.88 20.59 -5.22
N GLY D 17 -1.71 19.99 -5.50
CA GLY D 17 -0.99 20.31 -6.73
C GLY D 17 0.49 20.41 -6.49
N ASN D 18 1.26 20.52 -7.55
CA ASN D 18 2.73 20.43 -7.44
C ASN D 18 3.30 21.52 -6.53
N ALA D 19 4.49 21.27 -6.02
CA ALA D 19 5.19 22.26 -5.25
C ALA D 19 5.43 23.47 -6.11
N GLY D 20 5.35 24.65 -5.49
CA GLY D 20 5.67 25.89 -6.16
C GLY D 20 4.61 26.52 -7.05
N THR D 21 3.41 25.94 -7.06
CA THR D 21 2.39 26.39 -8.00
C THR D 21 1.64 27.58 -7.48
N GLY D 22 1.83 27.90 -6.21
CA GLY D 22 1.11 28.99 -5.53
C GLY D 22 -0.04 28.66 -4.59
N LYS D 23 -0.17 27.41 -4.15
CA LYS D 23 -1.26 26.97 -3.29
C LYS D 23 -1.33 27.81 -2.05
N SER D 24 -0.18 28.01 -1.41
CA SER D 24 -0.24 28.67 -0.12
C SER D 24 -0.60 30.15 -0.31
N CYS D 25 -0.01 30.78 -1.33
CA CYS D 25 -0.41 32.14 -1.76
C CYS D 25 -1.90 32.28 -2.11
N LEU D 26 -2.53 31.25 -2.72
CA LEU D 26 -3.94 31.33 -3.07
C LEU D 26 -4.76 31.32 -1.79
N LEU D 27 -4.38 30.44 -0.85
CA LEU D 27 -5.15 30.38 0.37
C LEU D 27 -5.01 31.71 1.14
N HIS D 28 -3.81 32.26 1.20
CA HIS D 28 -3.59 33.53 1.95
C HIS D 28 -4.31 34.72 1.28
N GLN D 29 -4.34 34.73 -0.06
CA GLN D 29 -5.08 35.77 -0.75
C GLN D 29 -6.59 35.63 -0.43
N PHE D 30 -7.08 34.40 -0.28
CA PHE D 30 -8.52 34.19 -0.04
C PHE D 30 -8.86 34.71 1.33
N ILE D 31 -8.07 34.30 2.32
CA ILE D 31 -8.37 34.51 3.75
C ILE D 31 -8.06 35.95 4.17
N GLU D 32 -6.91 36.48 3.75
CA GLU D 32 -6.44 37.78 4.24
C GLU D 32 -6.45 38.90 3.19
N LYS D 33 -6.94 38.56 1.99
CA LYS D 33 -6.99 39.49 0.85
C LYS D 33 -5.70 40.24 0.51
N LYS D 34 -4.56 39.56 0.70
CA LYS D 34 -3.25 40.11 0.37
C LYS D 34 -2.35 38.99 -0.10
N PHE D 35 -1.28 39.39 -0.77
CA PHE D 35 -0.25 38.50 -1.25
C PHE D 35 0.79 38.23 -0.15
N LYS D 36 1.14 36.96 0.00
CA LYS D 36 2.12 36.49 0.96
C LYS D 36 3.55 36.66 0.42
N ASP D 37 4.29 37.26 0.04
CA ASP D 37 5.55 36.80 -0.50
C ASP D 37 6.51 36.80 0.62
N ASP D 38 7.42 35.90 0.35
CA ASP D 38 8.46 35.40 1.19
C ASP D 38 7.87 34.07 1.59
N SER D 39 6.77 33.81 0.70
CA SER D 39 6.23 32.46 0.93
C SER D 39 7.28 31.39 0.68
N ASN D 40 7.40 30.45 1.63
CA ASN D 40 8.36 29.34 1.52
C ASN D 40 7.62 27.99 1.41
N HIS D 41 8.33 26.93 1.00
CA HIS D 41 7.72 25.61 0.85
C HIS D 41 6.97 25.19 2.13
N THR D 42 5.76 24.66 1.96
CA THR D 42 4.90 24.25 3.07
C THR D 42 5.45 22.97 3.62
N ILE D 43 5.57 22.93 4.96
CA ILE D 43 5.92 21.72 5.69
C ILE D 43 4.59 21.07 6.15
N GLY D 44 4.21 20.01 5.44
CA GLY D 44 3.08 19.20 5.83
C GLY D 44 1.85 19.90 5.37
N VAL D 45 1.28 20.77 6.20
CA VAL D 45 0.00 21.39 5.82
C VAL D 45 -0.17 22.77 6.45
N GLU D 46 -0.92 23.64 5.78
CA GLU D 46 -1.32 24.93 6.35
C GLU D 46 -2.83 24.84 6.51
N PHE D 47 -3.37 25.68 7.39
CA PHE D 47 -4.81 25.68 7.60
C PHE D 47 -5.36 27.09 7.53
N GLY D 48 -6.52 27.23 6.91
CA GLY D 48 -7.29 28.45 7.09
C GLY D 48 -8.80 28.19 7.04
N SER D 49 -9.55 29.10 7.66
CA SER D 49 -11.00 29.02 7.58
C SER D 49 -11.65 30.37 7.34
N LYS D 50 -12.82 30.34 6.72
CA LYS D 50 -13.49 31.58 6.36
C LYS D 50 -14.94 31.26 6.17
N ILE D 51 -15.81 32.17 6.58
CA ILE D 51 -17.23 32.05 6.27
C ILE D 51 -17.64 32.93 5.10
N ILE D 52 -18.24 32.30 4.10
CA ILE D 52 -18.70 33.04 2.91
C ILE D 52 -20.21 32.98 2.80
N ASN D 53 -20.78 33.96 2.10
CA ASN D 53 -22.19 34.06 1.92
C ASN D 53 -22.50 33.68 0.48
N VAL D 54 -23.12 32.52 0.28
CA VAL D 54 -23.55 32.13 -1.07
C VAL D 54 -25.07 32.07 -1.20
N GLY D 55 -25.63 32.91 -2.07
CA GLY D 55 -27.07 33.04 -2.22
C GLY D 55 -27.88 33.19 -0.93
N GLY D 56 -27.27 33.79 0.09
CA GLY D 56 -27.92 33.98 1.37
C GLY D 56 -27.60 32.91 2.39
N LYS D 57 -26.82 31.91 1.97
CA LYS D 57 -26.44 30.79 2.83
C LYS D 57 -25.02 31.00 3.28
N TYR D 58 -24.81 30.93 4.58
CA TYR D 58 -23.48 31.11 5.15
C TYR D 58 -22.77 29.78 5.24
N VAL D 59 -21.61 29.74 4.59
CA VAL D 59 -20.85 28.51 4.47
C VAL D 59 -19.50 28.69 5.11
N LYS D 60 -19.20 27.85 6.10
CA LYS D 60 -17.87 27.85 6.67
C LYS D 60 -16.98 26.85 5.96
N LEU D 61 -15.84 27.32 5.49
CA LEU D 61 -14.86 26.48 4.77
C LEU D 61 -13.68 26.24 5.67
N GLN D 62 -13.35 24.97 5.90
CA GLN D 62 -12.13 24.64 6.65
C GLN D 62 -11.16 24.08 5.65
N ILE D 63 -10.10 24.84 5.36
CA ILE D 63 -9.28 24.57 4.18
C ILE D 63 -7.89 24.08 4.55
N TRP D 64 -7.55 22.88 4.05
CA TRP D 64 -6.24 22.26 4.29
C TRP D 64 -5.34 22.47 3.08
N ASP D 65 -4.31 23.33 3.23
CA ASP D 65 -3.42 23.67 2.13
C ASP D 65 -2.22 22.70 2.20
N THR D 66 -2.16 21.76 1.27
CA THR D 66 -1.16 20.69 1.38
C THR D 66 0.19 21.06 0.75
N ALA D 67 1.27 20.53 1.32
CA ALA D 67 2.56 20.65 0.69
C ALA D 67 2.57 19.83 -0.61
N GLY D 68 3.12 20.40 -1.68
CA GLY D 68 3.23 19.67 -2.93
C GLY D 68 4.49 18.82 -3.02
N GLN D 69 5.49 19.03 -2.14
CA GLN D 69 6.75 18.31 -2.25
C GLN D 69 6.62 16.81 -1.93
N GLU D 70 7.26 16.00 -2.80
CA GLU D 70 7.06 14.58 -2.69
C GLU D 70 7.25 14.09 -1.24
N ARG D 71 8.24 14.69 -0.56
CA ARG D 71 8.67 14.28 0.79
C ARG D 71 7.51 14.29 1.82
N PHE D 72 6.48 15.09 1.52
CA PHE D 72 5.30 15.20 2.36
C PHE D 72 4.07 14.46 1.79
N ARG D 73 4.22 13.79 0.64
CA ARG D 73 3.07 13.12 0.01
C ARG D 73 2.26 12.22 0.95
N SER D 74 2.81 11.16 1.55
CA SER D 74 1.86 10.34 2.28
C SER D 74 1.37 11.05 3.51
N VAL D 75 2.18 11.94 4.02
CA VAL D 75 1.89 12.65 5.25
C VAL D 75 1.05 13.92 4.99
N THR D 76 0.14 13.98 4.23
CA THR D 76 -0.55 14.99 3.41
C THR D 76 -1.76 14.32 2.74
N ARG D 77 -1.54 13.14 2.18
CA ARG D 77 -2.62 12.29 1.66
C ARG D 77 -3.62 11.91 2.78
N SER D 78 -3.12 11.87 4.02
CA SER D 78 -3.93 11.63 5.21
C SER D 78 -5.11 12.60 5.42
N TYR D 79 -4.97 13.85 4.97
CA TYR D 79 -6.03 14.85 5.07
C TYR D 79 -7.16 14.74 4.02
N TYR D 80 -7.04 13.85 3.04
CA TYR D 80 -8.03 13.84 1.95
C TYR D 80 -9.39 13.34 2.36
N ARG D 81 -9.42 12.28 3.18
CA ARG D 81 -10.71 11.63 3.44
C ARG D 81 -11.63 12.63 4.13
N GLY D 82 -12.86 12.72 3.65
CA GLY D 82 -13.82 13.65 4.21
C GLY D 82 -13.86 15.03 3.52
N ALA D 83 -12.91 15.31 2.63
CA ALA D 83 -12.96 16.54 1.87
C ALA D 83 -14.19 16.57 0.93
N ALA D 84 -14.93 17.68 0.98
CA ALA D 84 -16.07 17.83 0.09
C ALA D 84 -15.71 18.54 -1.21
N GLY D 85 -14.66 19.34 -1.16
CA GLY D 85 -14.19 20.07 -2.31
C GLY D 85 -12.67 20.14 -2.29
N ALA D 86 -12.11 20.43 -3.46
CA ALA D 86 -10.67 20.73 -3.57
C ALA D 86 -10.41 21.73 -4.68
N LEU D 87 -9.36 22.54 -4.52
CA LEU D 87 -8.80 23.34 -5.63
C LEU D 87 -7.53 22.59 -6.05
N LEU D 88 -7.47 22.24 -7.34
CA LEU D 88 -6.34 21.54 -7.95
C LEU D 88 -5.59 22.57 -8.75
N VAL D 89 -4.33 22.79 -8.37
CA VAL D 89 -3.61 23.96 -8.85
C VAL D 89 -2.44 23.56 -9.73
N TYR D 90 -2.27 24.30 -10.83
CA TYR D 90 -1.03 24.26 -11.57
C TYR D 90 -0.53 25.70 -11.83
N ASP D 91 0.69 25.80 -12.38
CA ASP D 91 1.33 27.08 -12.67
C ASP D 91 1.33 27.22 -14.18
N ILE D 92 0.63 28.25 -14.71
CA ILE D 92 0.55 28.44 -16.18
C ILE D 92 1.93 28.64 -16.88
N THR D 93 2.94 29.01 -16.07
CA THR D 93 4.32 29.21 -16.55
C THR D 93 5.17 27.95 -16.47
N SER D 94 4.61 26.86 -15.97
CA SER D 94 5.41 25.62 -15.80
C SER D 94 4.65 24.40 -16.34
N ARG D 95 4.98 23.96 -17.56
CA ARG D 95 4.26 22.84 -18.15
C ARG D 95 4.38 21.57 -17.30
N GLU D 96 5.49 21.38 -16.60
CA GLU D 96 5.62 20.24 -15.70
C GLU D 96 4.46 20.13 -14.69
N THR D 97 4.04 21.27 -14.15
CA THR D 97 3.00 21.26 -13.11
C THR D 97 1.64 20.89 -13.70
N TYR D 98 1.46 21.26 -14.97
CA TYR D 98 0.27 20.92 -15.74
C TYR D 98 0.26 19.45 -16.11
N ASN D 99 1.44 18.89 -16.40
CA ASN D 99 1.48 17.50 -16.83
C ASN D 99 1.15 16.54 -15.67
N ALA D 100 1.28 17.06 -14.46
CA ALA D 100 1.07 16.29 -13.23
C ALA D 100 -0.40 16.13 -12.89
N LEU D 101 -1.25 16.88 -13.59
CA LEU D 101 -2.62 17.01 -13.11
C LEU D 101 -3.40 15.69 -13.07
N THR D 102 -3.18 14.84 -14.07
CA THR D 102 -3.90 13.58 -14.16
C THR D 102 -3.73 12.74 -12.90
N ASN D 103 -2.48 12.62 -12.43
CA ASN D 103 -2.17 11.90 -11.18
C ASN D 103 -2.79 12.48 -9.90
N TRP D 104 -2.68 13.80 -9.72
CA TRP D 104 -3.30 14.55 -8.62
C TRP D 104 -4.79 14.26 -8.62
N LEU D 105 -5.36 14.29 -9.82
CA LEU D 105 -6.79 14.08 -10.01
C LEU D 105 -7.25 12.66 -9.64
N THR D 106 -6.46 11.68 -10.07
CA THR D 106 -6.64 10.29 -9.69
C THR D 106 -6.60 10.13 -8.16
N ASP D 107 -5.60 10.75 -7.53
CA ASP D 107 -5.36 10.69 -6.08
C ASP D 107 -6.59 11.16 -5.30
N ALA D 108 -6.97 12.41 -5.59
CA ALA D 108 -8.08 13.10 -4.93
C ALA D 108 -9.37 12.29 -5.00
N ARG D 109 -9.62 11.72 -6.18
CA ARG D 109 -10.87 11.00 -6.42
C ARG D 109 -10.91 9.62 -5.72
N MET D 110 -9.74 9.09 -5.59
CA MET D 110 -9.60 7.82 -4.94
C MET D 110 -9.55 7.92 -3.42
N LEU D 111 -8.97 9.00 -2.91
CA LEU D 111 -8.71 9.15 -1.48
C LEU D 111 -9.71 10.02 -0.74
N ALA D 112 -10.35 10.95 -1.45
CA ALA D 112 -11.18 11.99 -0.81
C ALA D 112 -12.68 11.76 -0.80
N SER D 113 -13.16 10.91 -1.71
CA SER D 113 -14.60 10.58 -1.87
C SER D 113 -15.12 10.48 -3.32
N GLN D 114 -14.62 11.27 -4.23
CA GLN D 114 -15.01 11.20 -5.66
C GLN D 114 -16.43 11.68 -6.02
N ASN D 115 -17.34 11.96 -5.34
CA ASN D 115 -18.32 13.03 -5.33
C ASN D 115 -17.73 14.38 -4.93
N ILE D 116 -16.46 14.37 -4.58
CA ILE D 116 -15.73 15.61 -4.33
C ILE D 116 -15.84 16.59 -5.53
N VAL D 117 -16.09 17.85 -5.22
CA VAL D 117 -16.15 18.85 -6.26
C VAL D 117 -14.75 19.42 -6.41
N ILE D 118 -14.18 19.34 -7.62
CA ILE D 118 -12.83 19.89 -7.86
C ILE D 118 -12.82 21.06 -8.85
N ILE D 119 -12.20 22.15 -8.44
CA ILE D 119 -12.03 23.35 -9.31
C ILE D 119 -10.60 23.35 -9.79
N LEU D 120 -10.38 23.37 -11.11
CA LEU D 120 -9.02 23.43 -11.67
C LEU D 120 -8.59 24.90 -11.73
N CYS D 121 -7.43 25.21 -11.13
CA CYS D 121 -6.86 26.56 -11.06
C CYS D 121 -5.51 26.65 -11.78
N GLY D 122 -5.46 27.40 -12.88
CA GLY D 122 -4.18 27.66 -13.56
C GLY D 122 -3.68 28.97 -12.98
N ASN D 123 -2.76 28.85 -12.04
CA ASN D 123 -2.34 30.03 -11.29
C ASN D 123 -1.15 30.80 -11.94
N LYS D 124 -0.86 31.96 -11.38
CA LYS D 124 0.18 32.87 -11.88
C LYS D 124 -0.18 33.50 -13.22
N LYS D 125 -1.48 33.74 -13.43
CA LYS D 125 -1.99 34.38 -14.68
C LYS D 125 -1.34 35.76 -14.94
N ASP D 126 -0.90 36.41 -13.87
CA ASP D 126 -0.27 37.74 -13.97
C ASP D 126 1.08 37.64 -14.67
N LEU D 127 1.63 36.42 -14.73
CA LEU D 127 2.92 36.15 -15.37
C LEU D 127 2.72 35.62 -16.80
N ASP D 128 1.69 36.14 -17.46
CA ASP D 128 1.27 35.72 -18.80
C ASP D 128 2.39 35.75 -19.87
N ALA D 129 3.35 36.66 -19.70
CA ALA D 129 4.50 36.71 -20.61
C ALA D 129 5.38 35.43 -20.58
N ASP D 130 5.28 34.70 -19.49
CA ASP D 130 6.01 33.46 -19.28
C ASP D 130 5.14 32.20 -19.47
N ARG D 131 3.97 32.38 -20.08
CA ARG D 131 2.98 31.31 -20.22
C ARG D 131 3.50 30.11 -20.98
N GLU D 132 3.34 28.92 -20.42
CA GLU D 132 3.72 27.67 -21.09
C GLU D 132 2.53 26.76 -21.39
N VAL D 133 1.36 27.06 -20.83
CA VAL D 133 0.16 26.26 -21.05
C VAL D 133 -0.93 27.20 -21.52
N THR D 134 -1.54 26.93 -22.68
CA THR D 134 -2.58 27.84 -23.19
C THR D 134 -3.88 27.66 -22.46
N PHE D 135 -4.63 28.76 -22.38
CA PHE D 135 -6.00 28.68 -21.84
C PHE D 135 -6.81 27.58 -22.57
N LEU D 136 -6.71 27.52 -23.89
CA LEU D 136 -7.54 26.60 -24.65
C LEU D 136 -7.18 25.13 -24.34
N GLU D 137 -5.90 24.82 -24.23
CA GLU D 137 -5.59 23.42 -24.06
C GLU D 137 -5.96 22.98 -22.66
N ALA D 138 -5.77 23.86 -21.66
CA ALA D 138 -6.14 23.48 -20.31
C ALA D 138 -7.66 23.39 -20.19
N SER D 139 -8.35 24.25 -20.95
CA SER D 139 -9.81 24.13 -21.03
C SER D 139 -10.26 22.75 -21.53
N ARG D 140 -9.56 22.23 -22.53
CA ARG D 140 -9.88 20.93 -23.13
C ARG D 140 -9.67 19.84 -22.07
N PHE D 141 -8.52 19.88 -21.42
CA PHE D 141 -8.26 18.94 -20.32
C PHE D 141 -9.35 19.03 -19.24
N ALA D 142 -9.74 20.24 -18.86
CA ALA D 142 -10.78 20.36 -17.86
C ALA D 142 -12.12 19.76 -18.27
N GLN D 143 -12.56 20.09 -19.47
CA GLN D 143 -13.85 19.60 -19.94
C GLN D 143 -13.82 18.07 -20.01
N GLU D 144 -12.76 17.50 -20.56
CA GLU D 144 -12.67 16.03 -20.66
C GLU D 144 -12.69 15.35 -19.28
N ASN D 145 -12.29 16.11 -18.25
CA ASN D 145 -12.21 15.52 -16.92
C ASN D 145 -13.30 16.00 -15.97
N GLU D 146 -14.29 16.67 -16.53
CA GLU D 146 -15.44 17.18 -15.78
C GLU D 146 -15.04 18.13 -14.65
N LEU D 147 -14.13 19.06 -14.95
CA LEU D 147 -13.71 20.05 -13.98
C LEU D 147 -14.10 21.44 -14.48
N MET D 148 -14.54 22.28 -13.56
CA MET D 148 -14.66 23.69 -13.90
C MET D 148 -13.30 24.34 -13.80
N PHE D 149 -12.98 25.20 -14.78
CA PHE D 149 -11.61 25.73 -14.91
C PHE D 149 -11.56 27.25 -14.82
N LEU D 150 -10.70 27.72 -13.92
CA LEU D 150 -10.39 29.17 -13.86
C LEU D 150 -8.89 29.43 -13.90
N GLU D 151 -8.44 30.49 -14.57
CA GLU D 151 -7.04 30.94 -14.38
C GLU D 151 -7.04 31.99 -13.26
N THR D 152 -6.09 31.88 -12.33
CA THR D 152 -6.06 32.73 -11.12
C THR D 152 -4.74 33.47 -11.00
N SER D 153 -4.75 34.51 -10.18
CA SER D 153 -3.50 35.10 -9.70
C SER D 153 -3.58 35.31 -8.21
N ALA D 154 -2.75 34.59 -7.44
CA ALA D 154 -2.62 34.85 -6.01
C ALA D 154 -2.03 36.24 -5.73
N LEU D 155 -1.30 36.80 -6.71
CA LEU D 155 -0.69 38.12 -6.57
C LEU D 155 -1.72 39.25 -6.66
N THR D 156 -2.57 39.23 -7.70
CA THR D 156 -3.56 40.30 -7.86
C THR D 156 -4.85 39.94 -7.18
N GLY D 157 -5.09 38.66 -6.95
CA GLY D 157 -6.35 38.20 -6.42
C GLY D 157 -7.35 37.79 -7.50
N GLU D 158 -6.96 37.92 -8.78
CA GLU D 158 -7.88 37.54 -9.88
C GLU D 158 -8.39 36.08 -9.73
N ASN D 159 -9.73 35.97 -9.69
CA ASN D 159 -10.51 34.73 -9.64
C ASN D 159 -10.22 33.85 -8.41
N VAL D 160 -9.54 34.41 -7.40
CA VAL D 160 -9.16 33.60 -6.24
C VAL D 160 -10.39 33.35 -5.37
N GLU D 161 -11.05 34.42 -4.90
CA GLU D 161 -12.29 34.22 -4.12
C GLU D 161 -13.31 33.38 -4.93
N GLU D 162 -13.41 33.70 -6.23
CA GLU D 162 -14.34 33.02 -7.16
C GLU D 162 -14.13 31.49 -7.20
N ALA D 163 -12.87 31.08 -7.15
CA ALA D 163 -12.57 29.63 -7.24
C ALA D 163 -13.14 28.92 -6.00
N PHE D 164 -12.95 29.49 -4.79
CA PHE D 164 -13.46 28.90 -3.54
C PHE D 164 -14.96 28.94 -3.47
N VAL D 165 -15.53 30.06 -3.95
CA VAL D 165 -16.98 30.26 -3.90
C VAL D 165 -17.61 29.32 -4.93
N GLN D 166 -16.99 29.17 -6.12
CA GLN D 166 -17.57 28.20 -7.08
C GLN D 166 -17.56 26.76 -6.56
N CYS D 167 -16.50 26.35 -5.88
CA CYS D 167 -16.48 25.03 -5.26
C CYS D 167 -17.65 24.84 -4.27
N ALA D 168 -17.77 25.77 -3.33
CA ALA D 168 -18.91 25.77 -2.41
C ALA D 168 -20.29 25.77 -3.11
N ARG D 169 -20.50 26.58 -4.16
CA ARG D 169 -21.76 26.60 -4.91
C ARG D 169 -22.10 25.24 -5.50
N LYS D 170 -21.06 24.60 -6.06
CA LYS D 170 -21.32 23.30 -6.66
C LYS D 170 -21.64 22.22 -5.62
N ILE D 171 -21.02 22.32 -4.43
CA ILE D 171 -21.38 21.36 -3.37
C ILE D 171 -22.84 21.58 -2.93
N LEU D 172 -23.21 22.85 -2.71
CA LEU D 172 -24.57 23.19 -2.30
C LEU D 172 -25.60 22.74 -3.35
N ASN D 173 -25.21 22.80 -4.62
CA ASN D 173 -26.12 22.34 -5.67
C ASN D 173 -26.28 20.82 -5.65
N LYS D 174 -25.22 20.09 -5.26
CA LYS D 174 -25.30 18.63 -5.14
C LYS D 174 -26.15 18.22 -3.98
N ILE D 175 -26.03 18.97 -2.89
CA ILE D 175 -26.88 18.77 -1.70
C ILE D 175 -28.37 18.94 -2.04
N GLU D 176 -28.68 19.95 -2.84
CA GLU D 176 -30.08 20.20 -3.15
C GLU D 176 -30.61 19.17 -4.16
N SER D 177 -29.88 19.01 -5.27
CA SER D 177 -30.20 18.01 -6.30
C SER D 177 -28.98 17.84 -7.22
PG GNP E . -5.04 -16.60 0.66
O1G GNP E . -6.12 -17.68 0.81
O2G GNP E . -4.88 -16.12 -0.68
O3G GNP E . -3.80 -17.14 1.33
N3B GNP E . -5.51 -15.28 1.54
PB GNP E . -4.72 -13.85 1.63
O1B GNP E . -3.68 -13.95 2.72
O2B GNP E . -4.20 -13.46 0.27
O3A GNP E . -5.79 -12.73 2.03
PA GNP E . -6.45 -11.54 1.27
O1A GNP E . -5.47 -10.52 0.92
O2A GNP E . -7.37 -12.08 0.18
O5' GNP E . -7.30 -10.87 2.39
C5' GNP E . -8.21 -11.67 3.18
C4' GNP E . -9.41 -10.83 3.66
O4' GNP E . -8.86 -9.85 4.57
C3' GNP E . -10.16 -10.04 2.59
O3' GNP E . -11.59 -9.90 2.90
C2' GNP E . -9.42 -8.71 2.62
O2' GNP E . -10.16 -7.62 2.14
C1' GNP E . -9.10 -8.53 4.09
N9 GNP E . -7.92 -7.73 4.41
C8 GNP E . -6.63 -7.96 3.94
N7 GNP E . -5.76 -7.09 4.43
C5 GNP E . -6.51 -6.26 5.29
C6 GNP E . -6.11 -5.13 6.08
O6 GNP E . -5.01 -4.62 6.26
N1 GNP E . -7.17 -4.54 6.77
C2 GNP E . -8.48 -5.02 6.67
N2 GNP E . -9.41 -4.35 7.40
N3 GNP E . -8.87 -6.07 5.92
C4 GNP E . -7.83 -6.65 5.27
C TRS F . 4.33 0.50 14.25
C1 TRS F . 4.52 1.42 12.99
C2 TRS F . 3.93 -0.79 13.83
C3 TRS F . 3.34 1.09 15.21
N TRS F . 5.66 0.40 14.92
O1 TRS F . 3.65 2.38 12.64
O2 TRS F . 4.97 -1.76 13.68
O3 TRS F . 2.73 0.28 16.20
C TRS G . 8.08 -8.86 -14.94
C1 TRS G . 8.59 -7.68 -15.82
C2 TRS G . 9.19 -9.36 -14.28
C3 TRS G . 7.42 -9.89 -15.85
N TRS G . 7.08 -8.27 -14.02
O1 TRS G . 8.06 -6.47 -15.52
O2 TRS G . 9.51 -8.83 -13.01
O3 TRS G . 7.83 -11.25 -15.89
C1 BME H . 16.05 -8.63 14.03
C2 BME H . 16.86 -9.35 15.10
O1 BME H . 16.94 -7.99 13.11
S2 BME H . 15.94 -9.14 16.65
MG MG I . -4.19 -14.37 -1.50
PG GNP J . -4.60 -15.59 -19.91
O1G GNP J . -3.95 -14.17 -20.06
O2G GNP J . -4.94 -15.86 -18.54
O3G GNP J . -3.74 -16.54 -20.62
N3B GNP J . -6.03 -15.50 -20.75
PB GNP J . -7.13 -16.73 -20.84
O1B GNP J . -6.74 -17.67 -21.97
O2B GNP J . -7.35 -17.34 -19.51
O3A GNP J . -8.49 -16.02 -21.25
PA GNP J . -9.81 -15.80 -20.42
O1A GNP J . -10.38 -17.07 -19.96
O2A GNP J . -9.59 -14.75 -19.39
O5' GNP J . -10.80 -15.20 -21.49
C5' GNP J . -10.32 -14.04 -22.30
C4' GNP J . -11.58 -13.29 -22.73
O4' GNP J . -12.39 -14.12 -23.67
C3' GNP J . -12.51 -12.88 -21.63
O3' GNP J . -12.98 -11.55 -22.04
C2' GNP J . -13.59 -13.96 -21.62
O2' GNP J . -14.86 -13.51 -21.15
C1' GNP J . -13.71 -14.24 -23.11
N9 GNP J . -14.09 -15.62 -23.46
C8 GNP J . -13.41 -16.75 -23.05
N7 GNP J . -13.89 -17.86 -23.59
C5 GNP J . -15.00 -17.43 -24.36
C6 GNP J . -15.91 -18.18 -25.14
O6 GNP J . -15.99 -19.39 -25.36
N1 GNP J . -16.86 -17.37 -25.77
C2 GNP J . -16.87 -16.00 -25.64
N2 GNP J . -17.90 -15.36 -26.30
N3 GNP J . -16.02 -15.29 -24.91
C4 GNP J . -15.10 -16.07 -24.31
MG MG K . -6.31 -17.06 -17.72
PG GNP L . 3.24 23.70 19.01
O1G GNP L . 2.27 24.88 18.81
O2G GNP L . 3.73 23.20 17.75
O3G GNP L . 2.62 22.68 19.90
N3B GNP L . 4.54 24.30 19.83
PB GNP L . 5.93 23.47 20.16
O1B GNP L . 5.77 22.75 21.47
O2B GNP L . 6.39 22.66 19.03
O3A GNP L . 7.07 24.57 20.40
PA GNP L . 8.33 24.91 19.53
O1A GNP L . 9.26 23.78 19.42
O2A GNP L . 7.89 25.61 18.27
O5' GNP L . 9.00 26.05 20.41
C5' GNP L . 8.19 27.10 20.97
C4' GNP L . 9.17 28.26 21.29
O4' GNP L . 10.10 27.90 22.38
C3' GNP L . 10.01 28.73 20.14
O3' GNP L . 10.15 30.18 20.26
C2' GNP L . 11.35 28.06 20.40
O2' GNP L . 12.47 28.74 19.82
C1' GNP L . 11.42 28.08 21.89
N9 GNP L . 12.15 26.96 22.49
C8 GNP L . 11.80 25.61 22.33
N7 GNP L . 12.58 24.82 23.04
C5 GNP L . 13.43 25.69 23.76
C6 GNP L . 14.46 25.40 24.69
O6 GNP L . 14.85 24.33 25.16
N1 GNP L . 15.11 26.57 25.15
C2 GNP L . 14.79 27.81 24.73
N2 GNP L . 15.51 28.83 25.27
N3 GNP L . 13.79 28.10 23.87
C4 GNP L . 13.19 26.97 23.41
C TRS M . 18.80 17.30 36.19
C1 TRS M . 18.88 18.78 36.76
C2 TRS M . 17.79 17.21 35.13
C3 TRS M . 18.66 16.44 37.44
N TRS M . 20.13 17.14 35.57
O1 TRS M . 19.96 19.57 36.42
O2 TRS M . 17.29 16.06 34.31
O3 TRS M . 18.89 16.81 38.81
C1 BME N . -5.29 27.39 20.92
C2 BME N . -4.81 26.44 22.02
O1 BME N . -5.93 26.64 19.87
S2 BME N . -3.42 27.08 22.97
MG MG O . 5.41 22.27 17.19
C TRS P . -10.58 33.91 -18.32
C1 TRS P . -9.05 33.99 -18.61
C2 TRS P . -10.88 33.26 -17.05
C3 TRS P . -11.09 33.29 -19.62
N TRS P . -11.04 35.31 -18.23
O1 TRS P . -8.66 35.03 -19.38
O2 TRS P . -10.10 32.39 -16.16
O3 TRS P . -10.93 33.82 -20.93
PG GNP Q . 4.44 24.07 -1.69
O1G GNP Q . 5.97 23.72 -1.59
O2G GNP Q . 4.05 24.49 -0.35
O3G GNP Q . 3.64 23.03 -2.28
N3B GNP Q . 4.45 25.40 -2.66
PB GNP Q . 3.09 26.29 -2.97
O1B GNP Q . 2.26 25.66 -4.02
O2B GNP Q . 2.34 26.55 -1.70
O3A GNP Q . 3.65 27.68 -3.50
PA GNP Q . 3.65 29.10 -2.87
O1A GNP Q . 2.28 29.57 -2.54
O2A GNP Q . 4.61 29.03 -1.72
O5' GNP Q . 4.24 30.02 -3.99
C5' GNP Q . 5.50 29.62 -4.65
C4' GNP Q . 6.10 30.84 -5.31
O4' GNP Q . 5.17 31.39 -6.30
C3' GNP Q . 6.47 31.98 -4.39
O3' GNP Q . 7.65 32.56 -4.93
C2' GNP Q . 5.25 32.91 -4.50
O2' GNP Q . 5.59 34.26 -4.29
C1' GNP Q . 4.91 32.75 -5.97
N9 GNP Q . 3.50 32.91 -6.41
C8 GNP Q . 2.43 32.19 -5.91
N7 GNP Q . 1.30 32.54 -6.51
C5 GNP Q . 1.67 33.50 -7.46
C6 GNP Q . 0.92 34.29 -8.37
O6 GNP Q . -0.29 34.22 -8.64
N1 GNP Q . 1.71 35.18 -9.14
C2 GNP Q . 3.07 35.32 -8.98
N2 GNP Q . 3.74 36.21 -9.72
N3 GNP Q . 3.76 34.63 -8.07
C4 GNP Q . 3.03 33.76 -7.36
MG MG R . 2.61 25.89 0.21
#